data_7X0J
#
_entry.id   7X0J
#
_cell.length_a   45.950
_cell.length_b   72.820
_cell.length_c   230.600
_cell.angle_alpha   90.000
_cell.angle_beta   90.000
_cell.angle_gamma   90.000
#
_symmetry.space_group_name_H-M   'P 21 21 21'
#
loop_
_entity.id
_entity.type
_entity.pdbx_description
1 polymer CbpB
2 branched beta-D-glucopyranose-(1-4)-beta-D-glucopyranose
3 water water
#
_entity_poly.entity_id   1
_entity_poly.type   'polypeptide(L)'
_entity_poly.pdbx_seq_one_letter_code
;SVKLTMWIMPNSDTPDQDLLKVVKPFTDANPHITVEPTVVDWSAALTKITAAATSGEAPDITQVGSTWTAAIGAMEGALV
ELTGKIDTSAFVESTLQSAYIKGTDKMFGMPWFTETRALFYRKDACEKAGVNPETDFATWDKFKDALKKLNGIEVDGKKL
AALGMPGKNDWNVVHNFSWWIYGAGGDFVNEEGTQATFSSENALKGIKFYSELAVEGLMDEPSLEKNTSDIESAFGDGAY
ATAFMGPWVISSYTKNKEENGNDLIDKIGVTMVPEGPAGRYAFMGGSNLVIFNSSKNKDEALELLKFFASKEAQVEYSKV
SKMLPVVKAAYEDPYFEDSLMKVFKEQVDKYGKHYASVPGWASAEVIFSEGLSKIWDNVMEVDGAYSYDKTVQIVKDVES
QINQILQETSK
;
_entity_poly.pdbx_strand_id   A,B
#
# COMPACT_ATOMS: atom_id res chain seq x y z
N SER A 1 -34.43 -5.56 14.53
CA SER A 1 -34.66 -4.88 13.26
C SER A 1 -33.92 -5.60 12.13
N VAL A 2 -34.11 -5.14 10.89
CA VAL A 2 -33.50 -5.77 9.73
C VAL A 2 -32.06 -5.28 9.60
N LYS A 3 -31.12 -6.21 9.60
CA LYS A 3 -29.70 -5.91 9.53
C LYS A 3 -29.20 -6.20 8.12
N LEU A 4 -29.11 -5.17 7.29
CA LEU A 4 -28.63 -5.33 5.93
C LEU A 4 -27.11 -5.32 5.91
N THR A 5 -26.52 -6.31 5.24
CA THR A 5 -25.08 -6.39 5.04
C THR A 5 -24.77 -6.06 3.59
N MET A 6 -23.66 -5.36 3.36
CA MET A 6 -23.30 -4.99 2.00
C MET A 6 -21.78 -4.97 1.90
N TRP A 7 -21.26 -5.47 0.78
CA TRP A 7 -19.84 -5.42 0.48
C TRP A 7 -19.52 -4.16 -0.32
N ILE A 8 -18.40 -3.52 -0.02
CA ILE A 8 -17.94 -2.33 -0.77
C ILE A 8 -16.46 -2.57 -1.10
N MET A 9 -16.00 -1.95 -2.16
CA MET A 9 -14.61 -2.05 -2.65
C MET A 9 -13.99 -0.70 -2.29
N PRO A 10 -12.76 -0.67 -1.77
CA PRO A 10 -12.25 0.59 -1.31
C PRO A 10 -11.65 1.53 -2.38
N ASN A 11 -11.93 2.82 -2.28
CA ASN A 11 -11.26 3.86 -3.05
C ASN A 11 -10.94 5.05 -2.16
N SER A 12 -10.76 4.79 -0.86
CA SER A 12 -10.38 5.82 0.10
C SER A 12 -9.77 5.11 1.30
N ASP A 13 -9.18 5.90 2.19
CA ASP A 13 -8.54 5.35 3.38
C ASP A 13 -9.54 5.06 4.51
N THR A 14 -10.82 5.41 4.34
CA THR A 14 -11.85 5.14 5.34
C THR A 14 -13.12 4.69 4.63
N PRO A 15 -13.07 3.53 3.97
CA PRO A 15 -14.24 3.10 3.16
C PRO A 15 -15.51 2.94 3.97
N ASP A 16 -15.43 2.34 5.16
CA ASP A 16 -16.65 2.08 5.94
C ASP A 16 -17.25 3.36 6.48
N GLN A 17 -16.41 4.25 7.02
CA GLN A 17 -16.91 5.51 7.56
C GLN A 17 -17.60 6.34 6.48
N ASP A 18 -16.99 6.42 5.30
CA ASP A 18 -17.61 7.14 4.19
C ASP A 18 -19.00 6.58 3.89
N LEU A 19 -19.10 5.26 3.76
CA LEU A 19 -20.37 4.64 3.43
C LEU A 19 -21.42 4.95 4.50
N LEU A 20 -21.04 4.82 5.78
CA LEU A 20 -21.98 5.09 6.86
C LEU A 20 -22.42 6.55 6.87
N LYS A 21 -21.54 7.47 6.47
CA LYS A 21 -21.92 8.87 6.40
C LYS A 21 -22.99 9.09 5.34
N VAL A 22 -22.96 8.32 4.25
CA VAL A 22 -23.94 8.50 3.19
C VAL A 22 -25.29 7.90 3.57
N VAL A 23 -25.30 6.77 4.28
CA VAL A 23 -26.54 6.06 4.56
C VAL A 23 -27.20 6.50 5.86
N LYS A 24 -26.59 7.41 6.61
CA LYS A 24 -27.18 7.84 7.88
C LYS A 24 -28.57 8.44 7.69
N PRO A 25 -28.84 9.27 6.68
CA PRO A 25 -30.22 9.75 6.49
C PRO A 25 -31.20 8.63 6.23
N PHE A 26 -30.76 7.53 5.62
CA PHE A 26 -31.65 6.41 5.36
C PHE A 26 -31.99 5.67 6.65
N THR A 27 -30.99 5.37 7.47
CA THR A 27 -31.25 4.70 8.74
C THR A 27 -32.05 5.60 9.69
N ASP A 28 -31.86 6.91 9.61
CA ASP A 28 -32.67 7.82 10.42
C ASP A 28 -34.14 7.75 10.01
N ALA A 29 -34.40 7.84 8.70
CA ALA A 29 -35.78 7.81 8.22
C ALA A 29 -36.42 6.44 8.40
N ASN A 30 -35.63 5.37 8.39
CA ASN A 30 -36.11 3.99 8.53
C ASN A 30 -35.49 3.39 9.78
N PRO A 31 -36.08 3.62 10.96
CA PRO A 31 -35.43 3.16 12.20
C PRO A 31 -35.33 1.65 12.33
N HIS A 32 -36.08 0.87 11.56
CA HIS A 32 -36.06 -0.58 11.66
C HIS A 32 -35.15 -1.23 10.63
N ILE A 33 -34.24 -0.48 10.03
CA ILE A 33 -33.27 -1.01 9.07
C ILE A 33 -31.91 -0.44 9.43
N THR A 34 -30.94 -1.33 9.65
CA THR A 34 -29.55 -0.95 9.85
C THR A 34 -28.71 -1.46 8.69
N VAL A 35 -27.63 -0.75 8.42
CA VAL A 35 -26.74 -1.06 7.30
C VAL A 35 -25.32 -1.19 7.84
N GLU A 36 -24.69 -2.32 7.56
CA GLU A 36 -23.31 -2.56 7.99
C GLU A 36 -22.47 -2.92 6.78
N PRO A 37 -21.50 -2.08 6.40
CA PRO A 37 -20.65 -2.40 5.26
C PRO A 37 -19.41 -3.20 5.65
N THR A 38 -18.95 -4.00 4.70
CA THR A 38 -17.74 -4.80 4.85
C THR A 38 -16.88 -4.63 3.60
N VAL A 39 -15.61 -4.29 3.80
CA VAL A 39 -14.73 -3.96 2.69
C VAL A 39 -14.14 -5.24 2.09
N VAL A 40 -14.14 -5.30 0.77
CA VAL A 40 -13.55 -6.40 0.02
C VAL A 40 -12.57 -5.78 -0.98
N ASP A 41 -11.30 -6.12 -0.86
CA ASP A 41 -10.28 -5.54 -1.72
C ASP A 41 -10.61 -5.81 -3.19
N TRP A 42 -10.21 -4.87 -4.04
CA TRP A 42 -10.53 -4.98 -5.47
C TRP A 42 -9.98 -6.27 -6.07
N SER A 43 -8.74 -6.63 -5.72
CA SER A 43 -8.12 -7.80 -6.33
C SER A 43 -8.86 -9.09 -5.99
N ALA A 44 -9.54 -9.12 -4.85
CA ALA A 44 -10.25 -10.31 -4.39
C ALA A 44 -11.74 -10.29 -4.71
N ALA A 45 -12.27 -9.15 -5.18
CA ALA A 45 -13.71 -8.96 -5.20
C ALA A 45 -14.39 -9.86 -6.23
N LEU A 46 -13.79 -10.03 -7.41
CA LEU A 46 -14.43 -10.85 -8.43
C LEU A 46 -14.58 -12.29 -7.96
N THR A 47 -13.52 -12.85 -7.37
CA THR A 47 -13.58 -14.22 -6.88
C THR A 47 -14.55 -14.34 -5.70
N LYS A 48 -14.54 -13.37 -4.80
CA LYS A 48 -15.39 -13.46 -3.62
C LYS A 48 -16.86 -13.33 -4.00
N ILE A 49 -17.18 -12.45 -4.95
CA ILE A 49 -18.56 -12.31 -5.41
C ILE A 49 -19.00 -13.57 -6.15
N THR A 50 -18.14 -14.12 -7.00
CA THR A 50 -18.47 -15.34 -7.73
C THR A 50 -18.75 -16.49 -6.78
N ALA A 51 -17.90 -16.66 -5.77
CA ALA A 51 -18.11 -17.73 -4.79
C ALA A 51 -19.38 -17.51 -3.99
N ALA A 52 -19.70 -16.26 -3.67
CA ALA A 52 -20.95 -15.97 -2.97
C ALA A 52 -22.15 -16.39 -3.81
N ALA A 53 -22.07 -16.19 -5.12
CA ALA A 53 -23.20 -16.50 -6.00
C ALA A 53 -23.44 -18.00 -6.10
N THR A 54 -22.36 -18.79 -6.24
CA THR A 54 -22.53 -20.22 -6.43
C THR A 54 -22.82 -20.94 -5.11
N SER A 55 -22.28 -20.43 -4.00
CA SER A 55 -22.42 -21.14 -2.72
C SER A 55 -23.73 -20.80 -2.02
N GLY A 56 -24.15 -19.53 -2.09
CA GLY A 56 -25.31 -19.09 -1.37
C GLY A 56 -25.02 -18.43 -0.04
N GLU A 57 -23.76 -18.33 0.36
CA GLU A 57 -23.37 -17.53 1.52
C GLU A 57 -22.91 -16.18 0.99
N ALA A 58 -23.73 -15.16 1.21
CA ALA A 58 -23.53 -13.86 0.60
C ALA A 58 -24.11 -12.80 1.53
N PRO A 59 -23.74 -11.53 1.34
CA PRO A 59 -24.49 -10.44 1.98
C PRO A 59 -25.77 -10.19 1.20
N ASP A 60 -26.55 -9.22 1.68
CA ASP A 60 -27.75 -8.84 0.94
C ASP A 60 -27.38 -8.15 -0.37
N ILE A 61 -26.35 -7.29 -0.32
CA ILE A 61 -26.00 -6.39 -1.41
C ILE A 61 -24.49 -6.40 -1.57
N THR A 62 -24.03 -6.19 -2.79
CA THR A 62 -22.62 -5.92 -3.00
C THR A 62 -22.43 -4.90 -4.09
N GLN A 63 -21.44 -4.04 -3.88
CA GLN A 63 -20.86 -3.27 -4.97
C GLN A 63 -20.23 -4.23 -5.97
N VAL A 64 -20.36 -3.89 -7.25
CA VAL A 64 -19.71 -4.66 -8.32
C VAL A 64 -19.14 -3.65 -9.30
N GLY A 65 -17.93 -3.94 -9.79
CA GLY A 65 -17.42 -3.15 -10.91
C GLY A 65 -18.39 -3.18 -12.07
N SER A 66 -18.62 -2.01 -12.67
CA SER A 66 -19.61 -1.91 -13.74
C SER A 66 -19.35 -2.96 -14.83
N THR A 67 -18.08 -3.23 -15.12
CA THR A 67 -17.71 -4.13 -16.20
C THR A 67 -17.93 -5.60 -15.84
N TRP A 68 -18.28 -5.91 -14.58
CA TRP A 68 -18.55 -7.27 -14.15
C TRP A 68 -20.03 -7.59 -14.00
N THR A 69 -20.92 -6.60 -14.14
CA THR A 69 -22.32 -6.82 -13.81
C THR A 69 -22.92 -7.97 -14.62
N ALA A 70 -22.66 -7.99 -15.94
CA ALA A 70 -23.26 -9.00 -16.79
C ALA A 70 -22.75 -10.40 -16.43
N ALA A 71 -21.49 -10.51 -16.03
CA ALA A 71 -20.94 -11.82 -15.66
C ALA A 71 -21.68 -12.40 -14.47
N ILE A 72 -21.96 -11.59 -13.46
CA ILE A 72 -22.65 -12.07 -12.27
C ILE A 72 -24.14 -12.25 -12.56
N GLY A 73 -24.75 -11.29 -13.25
CA GLY A 73 -26.17 -11.42 -13.59
C GLY A 73 -26.46 -12.63 -14.45
N ALA A 74 -25.50 -13.04 -15.27
CA ALA A 74 -25.69 -14.19 -16.14
C ALA A 74 -25.57 -15.53 -15.42
N MET A 75 -25.19 -15.53 -14.14
CA MET A 75 -25.10 -16.78 -13.39
C MET A 75 -26.49 -17.16 -12.88
N GLU A 76 -26.94 -18.34 -13.30
CA GLU A 76 -28.24 -18.89 -12.93
C GLU A 76 -28.57 -18.65 -11.46
N GLY A 77 -29.62 -17.86 -11.23
CA GLY A 77 -30.15 -17.69 -9.88
C GLY A 77 -29.24 -16.98 -8.91
N ALA A 78 -28.29 -16.19 -9.39
CA ALA A 78 -27.37 -15.49 -8.50
C ALA A 78 -27.95 -14.18 -7.99
N LEU A 79 -28.55 -13.38 -8.86
CA LEU A 79 -28.94 -12.02 -8.54
C LEU A 79 -30.44 -11.83 -8.74
N VAL A 80 -31.01 -10.90 -7.98
CA VAL A 80 -32.38 -10.46 -8.23
C VAL A 80 -32.41 -9.60 -9.47
N GLU A 81 -33.27 -9.96 -10.43
CA GLU A 81 -33.43 -9.14 -11.62
C GLU A 81 -34.16 -7.85 -11.23
N LEU A 82 -33.65 -6.69 -11.62
CA LEU A 82 -34.20 -5.37 -11.24
C LEU A 82 -35.03 -4.74 -12.36
N THR A 83 -35.08 -5.33 -13.55
CA THR A 83 -35.84 -4.75 -14.69
C THR A 83 -37.27 -4.43 -14.23
N GLY A 84 -37.65 -3.15 -14.20
CA GLY A 84 -39.01 -2.72 -13.81
C GLY A 84 -39.13 -2.31 -12.35
N LYS A 85 -38.18 -2.66 -11.49
CA LYS A 85 -38.22 -2.38 -10.05
C LYS A 85 -37.59 -1.03 -9.73
N ILE A 86 -36.67 -0.55 -10.58
CA ILE A 86 -35.99 0.72 -10.35
C ILE A 86 -36.41 1.67 -11.47
N ASP A 87 -36.75 2.91 -11.09
CA ASP A 87 -37.08 3.95 -12.05
C ASP A 87 -35.79 4.48 -12.66
N THR A 88 -35.46 4.01 -13.86
CA THR A 88 -34.21 4.38 -14.51
C THR A 88 -34.34 5.62 -15.37
N SER A 89 -35.52 6.24 -15.43
CA SER A 89 -35.68 7.45 -16.23
C SER A 89 -34.91 8.64 -15.64
N ALA A 90 -34.54 8.57 -14.36
CA ALA A 90 -33.82 9.64 -13.70
C ALA A 90 -32.30 9.50 -13.83
N PHE A 91 -31.81 8.40 -14.41
CA PHE A 91 -30.39 8.14 -14.52
C PHE A 91 -29.81 8.79 -15.77
N VAL A 92 -28.52 9.11 -15.71
CA VAL A 92 -27.77 9.41 -16.91
C VAL A 92 -27.85 8.18 -17.82
N GLU A 93 -28.43 8.35 -19.01
CA GLU A 93 -28.75 7.20 -19.85
C GLU A 93 -27.53 6.35 -20.14
N SER A 94 -26.36 6.97 -20.36
CA SER A 94 -25.18 6.22 -20.74
C SER A 94 -24.74 5.24 -19.64
N THR A 95 -25.11 5.49 -18.38
CA THR A 95 -24.71 4.63 -17.28
C THR A 95 -25.48 3.32 -17.24
N LEU A 96 -26.59 3.22 -17.97
CA LEU A 96 -27.43 2.04 -17.88
C LEU A 96 -26.90 0.86 -18.70
N GLN A 97 -26.01 1.10 -19.66
CA GLN A 97 -25.55 0.01 -20.51
C GLN A 97 -24.91 -1.10 -19.69
N SER A 98 -24.16 -0.76 -18.65
CA SER A 98 -23.46 -1.76 -17.86
C SER A 98 -24.35 -2.44 -16.82
N ALA A 99 -25.58 -1.96 -16.63
CA ALA A 99 -26.50 -2.59 -15.70
C ALA A 99 -27.25 -3.75 -16.32
N TYR A 100 -27.25 -3.85 -17.65
CA TYR A 100 -27.92 -4.90 -18.39
C TYR A 100 -26.94 -5.94 -18.89
N ILE A 101 -27.46 -7.12 -19.19
CA ILE A 101 -26.73 -8.08 -20.01
C ILE A 101 -26.99 -7.73 -21.47
N LYS A 102 -25.92 -7.38 -22.19
CA LYS A 102 -26.06 -6.90 -23.56
C LYS A 102 -26.86 -7.86 -24.42
N GLY A 103 -27.76 -7.31 -25.23
CA GLY A 103 -28.59 -8.08 -26.12
C GLY A 103 -29.87 -8.60 -25.50
N THR A 104 -29.89 -8.77 -24.19
CA THR A 104 -31.10 -9.12 -23.47
C THR A 104 -31.74 -7.84 -22.96
N ASP A 105 -32.96 -7.96 -22.46
CA ASP A 105 -33.65 -6.86 -21.81
C ASP A 105 -33.62 -7.00 -20.29
N LYS A 106 -32.60 -7.66 -19.76
CA LYS A 106 -32.54 -8.03 -18.35
C LYS A 106 -31.54 -7.14 -17.63
N MET A 107 -32.01 -6.43 -16.62
CA MET A 107 -31.19 -5.55 -15.80
C MET A 107 -30.94 -6.23 -14.46
N PHE A 108 -29.66 -6.47 -14.14
CA PHE A 108 -29.29 -7.14 -12.91
C PHE A 108 -28.52 -6.26 -11.94
N GLY A 109 -28.15 -5.04 -12.33
CA GLY A 109 -27.52 -4.12 -11.43
C GLY A 109 -28.17 -2.75 -11.51
N MET A 110 -27.92 -1.95 -10.48
CA MET A 110 -28.32 -0.56 -10.51
C MET A 110 -27.08 0.31 -10.57
N PRO A 111 -26.97 1.24 -11.52
CA PRO A 111 -25.82 2.14 -11.53
C PRO A 111 -25.71 2.89 -10.22
N TRP A 112 -24.49 2.97 -9.69
CA TRP A 112 -24.23 3.65 -8.42
C TRP A 112 -23.38 4.89 -8.61
N PHE A 113 -22.18 4.76 -9.18
CA PHE A 113 -21.35 5.91 -9.50
C PHE A 113 -20.56 5.63 -10.77
N THR A 114 -20.00 6.70 -11.33
CA THR A 114 -19.23 6.67 -12.56
C THR A 114 -17.83 7.21 -12.30
N GLU A 115 -16.86 6.77 -13.09
CA GLU A 115 -15.54 7.37 -13.04
C GLU A 115 -14.90 7.30 -14.42
N THR A 116 -13.91 8.16 -14.61
CA THR A 116 -13.07 8.16 -15.80
C THR A 116 -11.65 8.55 -15.36
N ARG A 117 -10.70 8.38 -16.27
CA ARG A 117 -9.30 8.68 -16.01
C ARG A 117 -8.92 9.92 -16.81
N ALA A 118 -8.39 10.93 -16.12
CA ALA A 118 -8.01 12.18 -16.75
C ALA A 118 -6.53 12.43 -16.53
N LEU A 119 -6.01 13.46 -17.19
CA LEU A 119 -4.57 13.76 -17.17
C LEU A 119 -4.29 14.77 -16.07
N PHE A 120 -3.73 14.29 -14.95
CA PHE A 120 -3.22 15.18 -13.92
C PHE A 120 -1.84 15.70 -14.33
N TYR A 121 -1.56 16.95 -14.02
CA TYR A 121 -0.27 17.53 -14.33
C TYR A 121 0.18 18.46 -13.22
N ARG A 122 1.49 18.59 -13.09
CA ARG A 122 2.11 19.49 -12.12
C ARG A 122 2.30 20.86 -12.75
N LYS A 123 1.60 21.86 -12.20
CA LYS A 123 1.68 23.22 -12.75
C LYS A 123 3.10 23.76 -12.67
N ASP A 124 3.80 23.48 -11.57
CA ASP A 124 5.14 24.03 -11.40
C ASP A 124 6.13 23.40 -12.37
N ALA A 125 5.98 22.10 -12.64
CA ALA A 125 6.86 21.45 -13.61
C ALA A 125 6.62 21.98 -15.01
N CYS A 126 5.35 22.16 -15.40
CA CYS A 126 5.05 22.66 -16.74
C CYS A 126 5.59 24.07 -16.94
N GLU A 127 5.43 24.94 -15.93
CA GLU A 127 6.01 26.27 -16.01
C GLU A 127 7.51 26.22 -16.27
N LYS A 128 8.21 25.32 -15.58
CA LYS A 128 9.67 25.25 -15.71
C LYS A 128 10.08 24.70 -17.07
N ALA A 129 9.28 23.79 -17.63
CA ALA A 129 9.59 23.18 -18.92
C ALA A 129 9.06 23.95 -20.11
N GLY A 130 8.36 25.07 -19.89
CA GLY A 130 7.79 25.81 -20.98
C GLY A 130 6.61 25.12 -21.63
N VAL A 131 5.83 24.38 -20.84
CA VAL A 131 4.66 23.65 -21.31
C VAL A 131 3.42 24.38 -20.85
N ASN A 132 2.47 24.60 -21.77
CA ASN A 132 1.23 25.29 -21.46
C ASN A 132 0.12 24.26 -21.35
N PRO A 133 -0.31 23.88 -20.14
CA PRO A 133 -1.26 22.77 -20.01
C PRO A 133 -2.55 22.96 -20.79
N GLU A 134 -3.01 24.19 -20.93
CA GLU A 134 -4.29 24.44 -21.59
C GLU A 134 -4.32 23.86 -23.00
N THR A 135 -3.18 23.87 -23.69
CA THR A 135 -3.11 23.54 -25.10
C THR A 135 -2.16 22.39 -25.44
N ASP A 136 -1.07 22.23 -24.69
CA ASP A 136 0.02 21.39 -25.14
C ASP A 136 -0.23 19.89 -24.91
N PHE A 137 -1.32 19.52 -24.23
CA PHE A 137 -1.70 18.12 -24.07
C PHE A 137 -2.90 17.76 -24.93
N ALA A 138 -3.24 18.60 -25.93
CA ALA A 138 -4.52 18.49 -26.61
C ALA A 138 -4.58 17.29 -27.56
N THR A 139 -3.44 16.88 -28.11
CA THR A 139 -3.38 15.81 -29.09
C THR A 139 -2.28 14.84 -28.71
N TRP A 140 -2.32 13.65 -29.32
CA TRP A 140 -1.23 12.70 -29.13
C TRP A 140 0.12 13.34 -29.40
N ASP A 141 0.26 13.99 -30.56
CA ASP A 141 1.55 14.53 -30.95
C ASP A 141 2.00 15.67 -30.04
N LYS A 142 1.08 16.58 -29.69
CA LYS A 142 1.43 17.64 -28.77
C LYS A 142 1.77 17.08 -27.38
N PHE A 143 1.00 16.08 -26.94
CA PHE A 143 1.28 15.43 -25.65
C PHE A 143 2.69 14.85 -25.64
N LYS A 144 3.05 14.10 -26.68
CA LYS A 144 4.37 13.49 -26.72
C LYS A 144 5.47 14.55 -26.70
N ASP A 145 5.28 15.63 -27.47
CA ASP A 145 6.25 16.72 -27.49
C ASP A 145 6.36 17.38 -26.12
N ALA A 146 5.24 17.51 -25.41
CA ALA A 146 5.27 18.09 -24.08
C ALA A 146 6.01 17.20 -23.10
N LEU A 147 5.83 15.88 -23.19
CA LEU A 147 6.57 14.98 -22.32
C LEU A 147 8.07 15.09 -22.56
N LYS A 148 8.47 15.24 -23.82
CA LYS A 148 9.89 15.41 -24.12
C LYS A 148 10.46 16.64 -23.40
N LYS A 149 9.68 17.72 -23.33
CA LYS A 149 10.12 18.90 -22.60
C LYS A 149 10.18 18.65 -21.10
N LEU A 150 9.25 17.84 -20.57
CA LEU A 150 9.18 17.61 -19.13
C LEU A 150 10.19 16.59 -18.65
N ASN A 151 10.63 15.69 -19.52
CA ASN A 151 11.39 14.52 -19.11
C ASN A 151 12.69 14.88 -18.40
N GLY A 152 12.76 14.56 -17.11
CA GLY A 152 14.00 14.65 -16.37
C GLY A 152 14.44 16.05 -15.96
N ILE A 153 13.60 17.05 -16.10
CA ILE A 153 13.97 18.39 -15.63
C ILE A 153 13.83 18.42 -14.12
N GLU A 154 14.71 19.16 -13.47
CA GLU A 154 14.75 19.22 -12.01
C GLU A 154 13.70 20.20 -11.51
N VAL A 155 12.73 19.69 -10.77
CA VAL A 155 11.76 20.51 -10.04
C VAL A 155 12.04 20.32 -8.57
N ASP A 156 12.26 21.43 -7.86
CA ASP A 156 12.60 21.40 -6.44
C ASP A 156 13.90 20.61 -6.30
N GLY A 157 13.93 19.51 -5.56
CA GLY A 157 15.16 18.77 -5.34
C GLY A 157 15.17 17.37 -5.93
N LYS A 158 14.70 17.21 -7.16
CA LYS A 158 14.69 15.90 -7.79
C LYS A 158 14.43 16.06 -9.28
N LYS A 159 14.77 15.01 -10.03
CA LYS A 159 14.49 14.94 -11.46
C LYS A 159 13.17 14.19 -11.64
N LEU A 160 12.19 14.84 -12.25
CA LEU A 160 10.86 14.27 -12.41
C LEU A 160 10.78 13.45 -13.69
N ALA A 161 10.13 12.29 -13.59
CA ALA A 161 9.70 11.58 -14.79
C ALA A 161 8.55 12.34 -15.43
N ALA A 162 8.52 12.35 -16.76
CA ALA A 162 7.48 13.11 -17.46
C ALA A 162 6.10 12.50 -17.22
N LEU A 163 6.01 11.17 -17.25
CA LEU A 163 4.74 10.47 -17.07
C LEU A 163 4.98 9.26 -16.18
N GLY A 164 4.19 9.14 -15.12
CA GLY A 164 4.24 7.96 -14.29
C GLY A 164 2.98 7.15 -14.40
N MET A 165 3.10 5.88 -14.80
CA MET A 165 1.93 5.01 -14.89
C MET A 165 2.32 3.61 -14.43
N PRO A 166 1.37 2.88 -13.86
CA PRO A 166 1.65 1.52 -13.38
C PRO A 166 1.67 0.50 -14.52
N GLY A 167 2.39 -0.59 -14.28
CA GLY A 167 2.47 -1.66 -15.24
C GLY A 167 2.20 -3.03 -14.64
N LYS A 168 2.13 -3.10 -13.32
CA LYS A 168 1.93 -4.37 -12.63
C LYS A 168 0.50 -4.84 -12.77
N ASN A 169 0.31 -6.15 -12.68
CA ASN A 169 -1.01 -6.75 -12.84
C ASN A 169 -1.99 -6.22 -11.78
N ASP A 170 -2.94 -5.40 -12.22
CA ASP A 170 -4.18 -5.17 -11.50
C ASP A 170 -5.25 -4.91 -12.56
N TRP A 171 -6.49 -4.65 -12.11
CA TRP A 171 -7.57 -4.48 -13.07
C TRP A 171 -7.34 -3.31 -14.01
N ASN A 172 -6.53 -2.34 -13.61
CA ASN A 172 -6.33 -1.14 -14.41
C ASN A 172 -5.40 -1.36 -15.60
N VAL A 173 -4.78 -2.53 -15.72
CA VAL A 173 -3.92 -2.78 -16.88
C VAL A 173 -4.69 -2.53 -18.17
N VAL A 174 -5.87 -3.13 -18.28
CA VAL A 174 -6.64 -2.98 -19.51
C VAL A 174 -7.25 -1.58 -19.58
N HIS A 175 -7.74 -1.06 -18.44
CA HIS A 175 -8.35 0.26 -18.46
C HIS A 175 -7.39 1.33 -18.97
N ASN A 176 -6.11 1.22 -18.60
CA ASN A 176 -5.15 2.24 -19.00
C ASN A 176 -4.74 2.14 -20.46
N PHE A 177 -4.97 1.00 -21.11
CA PHE A 177 -4.79 0.89 -22.55
C PHE A 177 -6.03 1.31 -23.32
N SER A 178 -7.19 1.31 -22.68
CA SER A 178 -8.45 1.35 -23.43
C SER A 178 -8.54 2.58 -24.34
N TRP A 179 -8.35 3.77 -23.78
CA TRP A 179 -8.59 4.97 -24.59
C TRP A 179 -7.48 5.23 -25.60
N TRP A 180 -6.31 4.60 -25.43
CA TRP A 180 -5.30 4.65 -26.49
C TRP A 180 -5.74 3.80 -27.67
N ILE A 181 -6.31 2.63 -27.39
CA ILE A 181 -6.87 1.80 -28.45
C ILE A 181 -8.02 2.52 -29.13
N TYR A 182 -8.95 3.09 -28.34
CA TYR A 182 -10.08 3.81 -28.93
C TYR A 182 -9.60 4.98 -29.76
N GLY A 183 -8.71 5.81 -29.20
CA GLY A 183 -8.22 6.98 -29.89
C GLY A 183 -7.45 6.68 -31.16
N ALA A 184 -6.87 5.48 -31.25
CA ALA A 184 -6.18 5.06 -32.47
C ALA A 184 -7.15 4.63 -33.56
N GLY A 185 -8.40 4.35 -33.22
CA GLY A 185 -9.36 3.84 -34.17
C GLY A 185 -9.65 2.37 -34.04
N GLY A 186 -9.40 1.78 -32.87
CA GLY A 186 -9.62 0.36 -32.63
C GLY A 186 -10.63 0.14 -31.52
N ASP A 187 -10.92 -1.14 -31.29
CA ASP A 187 -11.84 -1.53 -30.23
C ASP A 187 -11.43 -2.92 -29.73
N PHE A 188 -11.92 -3.26 -28.55
CA PHE A 188 -11.66 -4.58 -27.98
C PHE A 188 -12.50 -5.66 -28.64
N VAL A 189 -13.72 -5.32 -29.08
CA VAL A 189 -14.68 -6.29 -29.58
C VAL A 189 -15.43 -5.69 -30.75
N ASN A 190 -16.13 -6.56 -31.48
CA ASN A 190 -17.02 -6.12 -32.54
C ASN A 190 -18.27 -5.47 -31.92
N GLU A 191 -19.15 -4.96 -32.79
CA GLU A 191 -20.34 -4.25 -32.30
C GLU A 191 -21.19 -5.13 -31.41
N GLU A 192 -21.26 -6.43 -31.70
CA GLU A 192 -22.11 -7.33 -30.94
C GLU A 192 -21.48 -7.79 -29.62
N GLY A 193 -20.18 -7.56 -29.42
CA GLY A 193 -19.51 -8.01 -28.23
C GLY A 193 -19.21 -9.49 -28.17
N THR A 194 -19.19 -10.16 -29.32
CA THR A 194 -19.04 -11.60 -29.40
C THR A 194 -17.69 -12.04 -29.97
N GLN A 195 -16.81 -11.10 -30.27
CA GLN A 195 -15.60 -11.36 -31.05
C GLN A 195 -14.55 -10.35 -30.62
N ALA A 196 -13.33 -10.82 -30.35
CA ALA A 196 -12.25 -9.92 -29.99
C ALA A 196 -11.61 -9.34 -31.26
N THR A 197 -11.24 -8.05 -31.19
CA THR A 197 -10.73 -7.35 -32.35
C THR A 197 -9.58 -6.40 -32.04
N PHE A 198 -8.88 -6.58 -30.92
CA PHE A 198 -7.82 -5.65 -30.56
C PHE A 198 -6.46 -6.04 -31.12
N SER A 199 -6.42 -6.96 -32.08
CA SER A 199 -5.23 -7.17 -32.91
C SER A 199 -5.36 -6.48 -34.27
N SER A 200 -6.40 -5.67 -34.45
CA SER A 200 -6.54 -4.88 -35.66
C SER A 200 -5.34 -3.94 -35.81
N GLU A 201 -5.15 -3.45 -37.04
CA GLU A 201 -4.05 -2.51 -37.29
C GLU A 201 -4.15 -1.29 -36.38
N ASN A 202 -5.37 -0.77 -36.20
CA ASN A 202 -5.53 0.46 -35.41
C ASN A 202 -5.33 0.19 -33.92
N ALA A 203 -5.88 -0.92 -33.42
CA ALA A 203 -5.65 -1.26 -32.02
C ALA A 203 -4.16 -1.39 -31.74
N LEU A 204 -3.43 -2.09 -32.60
CA LEU A 204 -1.99 -2.22 -32.43
C LEU A 204 -1.29 -0.87 -32.50
N LYS A 205 -1.80 0.04 -33.34
CA LYS A 205 -1.21 1.36 -33.45
CA LYS A 205 -1.22 1.36 -33.45
C LYS A 205 -1.31 2.11 -32.13
N GLY A 206 -2.45 2.03 -31.46
CA GLY A 206 -2.60 2.68 -30.16
C GLY A 206 -1.76 2.01 -29.08
N ILE A 207 -1.72 0.69 -29.09
CA ILE A 207 -0.87 -0.04 -28.15
C ILE A 207 0.59 0.35 -28.37
N LYS A 208 1.02 0.39 -29.64
CA LYS A 208 2.41 0.75 -29.94
C LYS A 208 2.72 2.17 -29.48
N PHE A 209 1.82 3.12 -29.77
CA PHE A 209 2.10 4.51 -29.44
C PHE A 209 2.25 4.69 -27.93
N TYR A 210 1.37 4.07 -27.15
CA TYR A 210 1.41 4.26 -25.71
C TYR A 210 2.60 3.54 -25.10
N SER A 211 2.78 2.25 -25.41
CA SER A 211 3.85 1.49 -24.78
C SER A 211 5.23 2.04 -25.16
N GLU A 212 5.39 2.56 -26.38
CA GLU A 212 6.70 3.06 -26.77
C GLU A 212 7.01 4.43 -26.19
N LEU A 213 6.05 5.07 -25.51
CA LEU A 213 6.42 6.22 -24.69
C LEU A 213 7.44 5.82 -23.64
N ALA A 214 7.33 4.59 -23.12
CA ALA A 214 8.29 4.10 -22.14
C ALA A 214 9.60 3.67 -22.80
N VAL A 215 9.52 3.06 -23.99
CA VAL A 215 10.73 2.74 -24.73
C VAL A 215 11.54 4.00 -24.99
N GLU A 216 10.86 5.08 -25.34
CA GLU A 216 11.51 6.34 -25.67
C GLU A 216 11.93 7.13 -24.45
N GLY A 217 11.71 6.61 -23.24
CA GLY A 217 12.20 7.23 -22.03
C GLY A 217 11.29 8.27 -21.41
N LEU A 218 10.08 8.45 -21.95
CA LEU A 218 9.17 9.47 -21.45
C LEU A 218 8.34 8.99 -20.27
N MET A 219 8.18 7.68 -20.11
CA MET A 219 7.55 7.11 -18.92
C MET A 219 8.63 6.64 -17.96
N ASP A 220 8.32 6.74 -16.67
CA ASP A 220 9.22 6.21 -15.65
C ASP A 220 9.17 4.69 -15.73
N GLU A 221 10.24 4.09 -16.28
CA GLU A 221 10.26 2.64 -16.43
C GLU A 221 10.14 1.91 -15.10
N PRO A 222 10.81 2.33 -14.02
CA PRO A 222 10.63 1.63 -12.73
C PRO A 222 9.19 1.61 -12.24
N SER A 223 8.41 2.65 -12.54
CA SER A 223 7.02 2.67 -12.12
C SER A 223 6.20 1.57 -12.78
N LEU A 224 6.64 1.06 -13.93
CA LEU A 224 5.92 -0.01 -14.61
C LEU A 224 5.94 -1.32 -13.81
N GLU A 225 6.85 -1.46 -12.85
CA GLU A 225 6.85 -2.64 -12.00
C GLU A 225 5.87 -2.53 -10.85
N LYS A 226 5.17 -1.40 -10.70
CA LYS A 226 4.29 -1.14 -9.58
C LYS A 226 2.84 -1.07 -10.05
N ASN A 227 1.93 -1.10 -9.08
CA ASN A 227 0.50 -1.09 -9.36
C ASN A 227 -0.07 0.32 -9.20
N THR A 228 -1.37 0.45 -9.47
CA THR A 228 -2.02 1.75 -9.44
C THR A 228 -1.87 2.44 -8.09
N SER A 229 -2.08 1.69 -7.01
CA SER A 229 -2.01 2.29 -5.67
C SER A 229 -0.66 2.94 -5.43
N ASP A 230 0.43 2.27 -5.85
CA ASP A 230 1.76 2.83 -5.63
C ASP A 230 1.98 4.09 -6.46
N ILE A 231 1.50 4.11 -7.71
CA ILE A 231 1.69 5.28 -8.56
C ILE A 231 0.89 6.47 -8.04
N GLU A 232 -0.35 6.22 -7.58
CA GLU A 232 -1.14 7.30 -7.00
C GLU A 232 -0.42 7.93 -5.81
N SER A 233 0.12 7.10 -4.92
CA SER A 233 0.88 7.62 -3.78
C SER A 233 2.12 8.36 -4.24
N ALA A 234 2.84 7.79 -5.21
CA ALA A 234 4.08 8.43 -5.67
C ALA A 234 3.80 9.79 -6.28
N PHE A 235 2.74 9.90 -7.10
CA PHE A 235 2.40 11.21 -7.66
C PHE A 235 2.05 12.20 -6.56
N GLY A 236 1.33 11.75 -5.53
CA GLY A 236 1.02 12.61 -4.41
C GLY A 236 2.22 13.01 -3.59
N ASP A 237 3.34 12.32 -3.76
CA ASP A 237 4.61 12.68 -3.14
C ASP A 237 5.52 13.45 -4.08
N GLY A 238 5.00 13.85 -5.25
CA GLY A 238 5.74 14.72 -6.15
C GLY A 238 6.65 14.01 -7.13
N ALA A 239 6.38 12.75 -7.46
CA ALA A 239 7.36 11.95 -8.20
C ALA A 239 7.31 12.18 -9.71
N TYR A 240 6.17 12.60 -10.27
CA TYR A 240 6.00 12.68 -11.70
C TYR A 240 5.42 14.02 -12.11
N ALA A 241 5.67 14.40 -13.37
CA ALA A 241 5.07 15.61 -13.93
C ALA A 241 3.61 15.39 -14.30
N THR A 242 3.27 14.18 -14.78
CA THR A 242 1.91 13.88 -15.20
C THR A 242 1.59 12.43 -14.85
N ALA A 243 0.29 12.14 -14.83
CA ALA A 243 -0.21 10.80 -14.61
C ALA A 243 -1.70 10.78 -14.97
N PHE A 244 -2.17 9.67 -15.55
CA PHE A 244 -3.58 9.46 -15.79
C PHE A 244 -4.19 8.75 -14.57
N MET A 245 -5.18 9.39 -13.95
CA MET A 245 -5.75 8.88 -12.71
C MET A 245 -7.23 9.24 -12.62
N GLY A 246 -7.93 8.50 -11.77
CA GLY A 246 -9.32 8.79 -11.49
C GLY A 246 -9.47 9.89 -10.47
N PRO A 247 -10.71 10.37 -10.32
CA PRO A 247 -10.93 11.56 -9.47
C PRO A 247 -10.74 11.33 -7.99
N TRP A 248 -10.81 10.08 -7.52
CA TRP A 248 -10.70 9.80 -6.09
C TRP A 248 -9.37 10.25 -5.51
N VAL A 249 -8.32 10.34 -6.33
CA VAL A 249 -7.01 10.72 -5.81
C VAL A 249 -7.04 12.15 -5.27
N ILE A 250 -7.96 12.98 -5.75
CA ILE A 250 -8.06 14.34 -5.24
C ILE A 250 -8.35 14.33 -3.75
N SER A 251 -9.17 13.37 -3.31
CA SER A 251 -9.48 13.25 -1.90
C SER A 251 -8.24 12.86 -1.11
N SER A 252 -7.48 11.89 -1.61
CA SER A 252 -6.24 11.48 -0.95
C SER A 252 -5.31 12.67 -0.78
N TYR A 253 -5.09 13.42 -1.86
CA TYR A 253 -4.14 14.53 -1.81
C TYR A 253 -4.63 15.66 -0.92
N THR A 254 -5.94 15.88 -0.87
CA THR A 254 -6.49 16.87 0.05
C THR A 254 -6.26 16.46 1.50
N LYS A 255 -6.48 15.18 1.81
CA LYS A 255 -6.22 14.69 3.16
C LYS A 255 -4.75 14.79 3.51
N ASN A 256 -3.87 14.49 2.56
CA ASN A 256 -2.43 14.59 2.82
C ASN A 256 -2.06 16.00 3.30
N LYS A 257 -2.64 17.03 2.68
CA LYS A 257 -2.34 18.39 3.10
C LYS A 257 -2.83 18.65 4.51
N GLU A 258 -4.05 18.20 4.83
CA GLU A 258 -4.60 18.44 6.16
C GLU A 258 -3.79 17.72 7.23
N GLU A 259 -3.27 16.53 6.91
CA GLU A 259 -2.64 15.70 7.92
C GLU A 259 -1.16 16.02 8.13
N ASN A 260 -0.45 16.48 7.09
CA ASN A 260 0.96 16.79 7.24
C ASN A 260 1.41 18.01 6.44
N GLY A 261 0.51 18.72 5.78
CA GLY A 261 0.89 19.90 5.04
C GLY A 261 1.42 19.67 3.64
N ASN A 262 1.41 18.42 3.16
CA ASN A 262 1.83 18.13 1.80
C ASN A 262 1.04 18.99 0.83
N ASP A 263 1.72 19.95 0.20
CA ASP A 263 1.07 20.95 -0.63
C ASP A 263 0.84 20.48 -2.07
N LEU A 264 1.06 19.20 -2.34
CA LEU A 264 0.96 18.70 -3.71
C LEU A 264 -0.39 19.04 -4.34
N ILE A 265 -1.47 18.96 -3.57
CA ILE A 265 -2.80 19.24 -4.10
C ILE A 265 -2.87 20.66 -4.67
N ASP A 266 -2.02 21.56 -4.19
CA ASP A 266 -2.11 22.96 -4.57
C ASP A 266 -1.37 23.28 -5.85
N LYS A 267 -0.56 22.37 -6.39
CA LYS A 267 0.19 22.63 -7.61
C LYS A 267 -0.11 21.61 -8.70
N ILE A 268 -1.34 21.10 -8.73
CA ILE A 268 -1.76 20.21 -9.81
C ILE A 268 -2.99 20.80 -10.50
N GLY A 269 -3.11 20.48 -11.79
CA GLY A 269 -4.34 20.66 -12.53
C GLY A 269 -4.70 19.35 -13.21
N VAL A 270 -5.86 19.37 -13.87
CA VAL A 270 -6.36 18.22 -14.60
CA VAL A 270 -6.38 18.22 -14.59
C VAL A 270 -6.91 18.67 -15.94
N THR A 271 -6.62 17.89 -16.98
CA THR A 271 -7.16 18.15 -18.30
C THR A 271 -7.63 16.83 -18.90
N MET A 272 -8.38 16.92 -19.99
CA MET A 272 -8.88 15.72 -20.64
C MET A 272 -7.75 14.98 -21.33
N VAL A 273 -7.97 13.69 -21.55
CA VAL A 273 -6.99 12.84 -22.23
C VAL A 273 -6.72 13.41 -23.62
N PRO A 274 -5.50 13.26 -24.14
CA PRO A 274 -5.21 13.80 -25.47
C PRO A 274 -6.01 13.11 -26.56
N GLU A 275 -6.32 13.88 -27.61
CA GLU A 275 -7.14 13.42 -28.72
C GLU A 275 -6.28 12.66 -29.73
N GLY A 276 -6.74 11.46 -30.11
CA GLY A 276 -6.04 10.66 -31.09
C GLY A 276 -6.60 10.82 -32.49
N PRO A 277 -6.05 10.07 -33.45
CA PRO A 277 -6.49 10.23 -34.86
C PRO A 277 -7.93 9.82 -35.11
N ALA A 278 -8.57 9.15 -34.15
CA ALA A 278 -9.95 8.74 -34.28
C ALA A 278 -10.93 9.76 -33.71
N GLY A 279 -10.41 10.79 -33.05
CA GLY A 279 -11.20 11.63 -32.17
C GLY A 279 -10.85 11.33 -30.72
N ARG A 280 -11.52 12.04 -29.83
CA ARG A 280 -11.27 11.88 -28.41
C ARG A 280 -12.18 10.81 -27.84
N TYR A 281 -11.59 9.88 -27.09
CA TYR A 281 -12.31 8.83 -26.37
C TYR A 281 -11.70 8.70 -24.99
N ALA A 282 -12.54 8.35 -24.01
CA ALA A 282 -12.10 8.22 -22.63
C ALA A 282 -12.67 6.94 -22.04
N PHE A 283 -11.98 6.41 -21.03
CA PHE A 283 -12.48 5.27 -20.30
C PHE A 283 -13.69 5.67 -19.47
N MET A 284 -14.76 4.89 -19.57
CA MET A 284 -15.94 5.06 -18.73
C MET A 284 -16.09 3.81 -17.88
N GLY A 285 -15.96 3.98 -16.57
CA GLY A 285 -16.15 2.90 -15.64
C GLY A 285 -17.05 3.34 -14.50
N GLY A 286 -16.84 2.72 -13.34
CA GLY A 286 -17.62 2.98 -12.15
C GLY A 286 -18.10 1.68 -11.56
N SER A 287 -19.10 1.79 -10.69
CA SER A 287 -19.62 0.63 -9.98
C SER A 287 -21.14 0.65 -9.94
N ASN A 288 -21.72 -0.53 -9.85
CA ASN A 288 -23.15 -0.73 -9.72
C ASN A 288 -23.43 -1.46 -8.40
N LEU A 289 -24.72 -1.57 -8.08
CA LEU A 289 -25.16 -2.31 -6.91
C LEU A 289 -26.07 -3.46 -7.35
N VAL A 290 -25.93 -4.61 -6.67
CA VAL A 290 -26.74 -5.79 -6.97
C VAL A 290 -27.24 -6.38 -5.66
N ILE A 291 -28.33 -7.12 -5.76
CA ILE A 291 -28.94 -7.82 -4.63
C ILE A 291 -28.81 -9.31 -4.89
N PHE A 292 -28.25 -10.03 -3.91
CA PHE A 292 -28.10 -11.47 -4.05
C PHE A 292 -29.46 -12.16 -3.93
N ASN A 293 -29.69 -13.13 -4.82
CA ASN A 293 -30.93 -13.88 -4.79
C ASN A 293 -31.09 -14.68 -3.49
N SER A 294 -30.01 -14.88 -2.75
CA SER A 294 -30.07 -15.57 -1.47
C SER A 294 -30.51 -14.67 -0.33
N SER A 295 -30.66 -13.36 -0.58
CA SER A 295 -31.05 -12.45 0.48
C SER A 295 -32.43 -12.80 1.01
N LYS A 296 -32.59 -12.69 2.32
CA LYS A 296 -33.87 -12.86 2.98
C LYS A 296 -34.50 -11.53 3.35
N ASN A 297 -33.91 -10.41 2.92
CA ASN A 297 -34.46 -9.08 3.13
C ASN A 297 -34.52 -8.31 1.82
N LYS A 298 -35.06 -8.95 0.77
CA LYS A 298 -35.04 -8.35 -0.55
C LYS A 298 -35.87 -7.07 -0.61
N ASP A 299 -36.93 -6.97 0.18
CA ASP A 299 -37.74 -5.76 0.20
C ASP A 299 -36.93 -4.58 0.72
N GLU A 300 -36.28 -4.76 1.89
CA GLU A 300 -35.46 -3.69 2.45
C GLU A 300 -34.25 -3.41 1.57
N ALA A 301 -33.65 -4.45 0.99
CA ALA A 301 -32.51 -4.24 0.11
C ALA A 301 -32.88 -3.33 -1.05
N LEU A 302 -34.06 -3.52 -1.63
CA LEU A 302 -34.49 -2.67 -2.73
C LEU A 302 -34.73 -1.24 -2.26
N GLU A 303 -35.27 -1.07 -1.06
CA GLU A 303 -35.42 0.28 -0.49
C GLU A 303 -34.08 0.98 -0.39
N LEU A 304 -33.04 0.25 0.00
CA LEU A 304 -31.72 0.85 0.18
C LEU A 304 -31.10 1.23 -1.17
N LEU A 305 -31.26 0.39 -2.18
CA LEU A 305 -30.78 0.75 -3.51
C LEU A 305 -31.46 2.01 -4.01
N LYS A 306 -32.78 2.11 -3.81
CA LYS A 306 -33.49 3.33 -4.21
C LYS A 306 -32.99 4.55 -3.44
N PHE A 307 -32.58 4.37 -2.19
CA PHE A 307 -31.99 5.49 -1.47
C PHE A 307 -30.68 5.92 -2.10
N PHE A 308 -29.80 4.96 -2.42
CA PHE A 308 -28.53 5.30 -3.03
C PHE A 308 -28.70 6.01 -4.36
N ALA A 309 -29.83 5.81 -5.03
CA ALA A 309 -30.12 6.49 -6.28
C ALA A 309 -30.79 7.85 -6.06
N SER A 310 -31.12 8.20 -4.82
CA SER A 310 -31.71 9.51 -4.56
C SER A 310 -30.68 10.60 -4.81
N LYS A 311 -31.18 11.77 -5.22
CA LYS A 311 -30.29 12.90 -5.50
C LYS A 311 -29.41 13.20 -4.30
N GLU A 312 -30.00 13.27 -3.11
CA GLU A 312 -29.25 13.68 -1.93
C GLU A 312 -28.12 12.69 -1.62
N ALA A 313 -28.39 11.39 -1.75
CA ALA A 313 -27.34 10.41 -1.52
C ALA A 313 -26.30 10.43 -2.64
N GLN A 314 -26.74 10.64 -3.88
CA GLN A 314 -25.81 10.73 -5.00
C GLN A 314 -24.85 11.91 -4.83
N VAL A 315 -25.38 13.06 -4.40
CA VAL A 315 -24.55 14.22 -4.18
C VAL A 315 -23.57 13.99 -3.04
N GLU A 316 -24.07 13.42 -1.93
CA GLU A 316 -23.21 13.21 -0.77
C GLU A 316 -22.15 12.16 -1.05
N TYR A 317 -22.49 11.12 -1.81
CA TYR A 317 -21.49 10.11 -2.14
C TYR A 317 -20.37 10.71 -2.99
N SER A 318 -20.72 11.58 -3.94
CA SER A 318 -19.70 12.21 -4.79
C SER A 318 -18.80 13.11 -3.97
N LYS A 319 -19.37 13.86 -3.03
CA LYS A 319 -18.56 14.78 -2.23
C LYS A 319 -17.54 14.03 -1.39
N VAL A 320 -17.92 12.87 -0.84
CA VAL A 320 -17.02 12.16 0.05
C VAL A 320 -15.99 11.36 -0.74
N SER A 321 -16.39 10.79 -1.87
CA SER A 321 -15.54 9.86 -2.61
C SER A 321 -14.90 10.49 -3.84
N LYS A 322 -15.46 11.59 -4.36
CA LYS A 322 -15.06 12.23 -5.60
C LYS A 322 -15.51 11.46 -6.84
N MET A 323 -16.25 10.36 -6.69
CA MET A 323 -16.82 9.70 -7.84
C MET A 323 -17.95 10.53 -8.42
N LEU A 324 -18.34 10.21 -9.66
CA LEU A 324 -19.36 10.98 -10.35
C LEU A 324 -20.74 10.35 -10.17
N PRO A 325 -21.80 11.15 -9.99
CA PRO A 325 -23.14 10.57 -9.88
C PRO A 325 -23.60 9.95 -11.19
N VAL A 326 -24.56 9.02 -11.06
CA VAL A 326 -25.23 8.42 -12.21
C VAL A 326 -26.64 8.97 -12.40
N VAL A 327 -27.07 9.92 -11.57
CA VAL A 327 -28.42 10.45 -11.60
C VAL A 327 -28.34 11.91 -12.07
N LYS A 328 -29.16 12.24 -13.08
CA LYS A 328 -29.04 13.54 -13.74
C LYS A 328 -29.24 14.70 -12.77
N ALA A 329 -30.22 14.59 -11.88
CA ALA A 329 -30.53 15.71 -10.99
C ALA A 329 -29.40 16.04 -10.04
N ALA A 330 -28.49 15.10 -9.78
CA ALA A 330 -27.41 15.36 -8.83
C ALA A 330 -26.50 16.48 -9.32
N TYR A 331 -26.38 16.65 -10.62
CA TYR A 331 -25.51 17.68 -11.19
C TYR A 331 -26.08 19.08 -11.07
N GLU A 332 -27.31 19.22 -10.57
CA GLU A 332 -27.84 20.53 -10.26
C GLU A 332 -27.12 21.17 -9.07
N ASP A 333 -26.48 20.36 -8.24
CA ASP A 333 -25.74 20.90 -7.10
C ASP A 333 -24.51 21.66 -7.60
N PRO A 334 -24.24 22.86 -7.07
CA PRO A 334 -23.09 23.64 -7.57
C PRO A 334 -21.73 23.02 -7.28
N TYR A 335 -21.66 21.99 -6.43
CA TYR A 335 -20.38 21.35 -6.14
C TYR A 335 -19.68 20.88 -7.40
N PHE A 336 -20.43 20.57 -8.45
CA PHE A 336 -19.86 20.03 -9.67
C PHE A 336 -19.35 21.10 -10.63
N GLU A 337 -19.41 22.37 -10.25
CA GLU A 337 -18.75 23.43 -10.98
C GLU A 337 -17.28 23.57 -10.59
N ASP A 338 -16.80 22.78 -9.64
CA ASP A 338 -15.40 22.81 -9.25
C ASP A 338 -14.51 22.53 -10.46
N SER A 339 -13.38 23.23 -10.51
CA SER A 339 -12.58 23.26 -11.73
C SER A 339 -12.01 21.88 -12.08
N LEU A 340 -11.76 21.03 -11.07
CA LEU A 340 -11.25 19.70 -11.34
C LEU A 340 -12.38 18.73 -11.67
N MET A 341 -13.46 18.75 -10.87
CA MET A 341 -14.54 17.81 -11.07
C MET A 341 -15.22 18.02 -12.42
N LYS A 342 -15.31 19.28 -12.87
CA LYS A 342 -15.97 19.57 -14.14
CA LYS A 342 -15.98 19.55 -14.14
C LYS A 342 -15.27 18.88 -15.30
N VAL A 343 -13.95 18.73 -15.24
CA VAL A 343 -13.21 18.07 -16.30
C VAL A 343 -13.64 16.61 -16.43
N PHE A 344 -13.74 15.92 -15.29
CA PHE A 344 -14.16 14.51 -15.31
C PHE A 344 -15.57 14.36 -15.86
N LYS A 345 -16.49 15.23 -15.44
CA LYS A 345 -17.87 15.15 -15.91
C LYS A 345 -17.95 15.40 -17.41
N GLU A 346 -17.31 16.47 -17.89
CA GLU A 346 -17.35 16.79 -19.30
C GLU A 346 -16.74 15.66 -20.13
N GLN A 347 -15.62 15.14 -19.66
CA GLN A 347 -14.92 14.08 -20.41
C GLN A 347 -15.80 12.85 -20.54
N VAL A 348 -16.37 12.36 -19.45
CA VAL A 348 -17.15 11.10 -19.51
C VAL A 348 -18.44 11.33 -20.31
N ASP A 349 -19.03 12.51 -20.22
CA ASP A 349 -20.24 12.82 -20.98
C ASP A 349 -19.98 12.82 -22.48
N LYS A 350 -18.97 13.58 -22.92
CA LYS A 350 -18.79 13.80 -24.35
C LYS A 350 -18.08 12.63 -25.02
N TYR A 351 -17.19 11.95 -24.31
CA TYR A 351 -16.24 11.03 -24.94
C TYR A 351 -16.13 9.68 -24.25
N GLY A 352 -16.91 9.43 -23.20
CA GLY A 352 -16.75 8.22 -22.42
C GLY A 352 -17.27 7.00 -23.17
N LYS A 353 -16.50 5.92 -23.11
CA LYS A 353 -16.85 4.67 -23.77
C LYS A 353 -16.65 3.52 -22.79
N HIS A 354 -17.71 2.75 -22.55
CA HIS A 354 -17.69 1.61 -21.65
C HIS A 354 -17.55 0.32 -22.46
N TYR A 355 -16.90 -0.67 -21.86
CA TYR A 355 -16.78 -1.98 -22.49
C TYR A 355 -18.16 -2.60 -22.72
N ALA A 356 -18.21 -3.56 -23.64
CA ALA A 356 -19.44 -4.30 -23.87
C ALA A 356 -19.84 -5.04 -22.61
N SER A 357 -21.13 -4.98 -22.28
CA SER A 357 -21.64 -5.56 -21.03
C SER A 357 -22.05 -7.01 -21.27
N VAL A 358 -21.06 -7.86 -21.49
CA VAL A 358 -21.30 -9.26 -21.84
C VAL A 358 -20.84 -10.19 -20.72
N PRO A 359 -21.42 -11.39 -20.60
CA PRO A 359 -21.10 -12.24 -19.44
C PRO A 359 -19.65 -12.65 -19.36
N GLY A 360 -18.95 -12.74 -20.49
CA GLY A 360 -17.57 -13.16 -20.47
C GLY A 360 -16.57 -12.09 -20.16
N TRP A 361 -16.99 -10.83 -20.00
CA TRP A 361 -16.01 -9.75 -19.91
C TRP A 361 -15.20 -9.84 -18.61
N ALA A 362 -15.85 -10.15 -17.49
CA ALA A 362 -15.12 -10.29 -16.23
C ALA A 362 -13.96 -11.26 -16.38
N SER A 363 -14.23 -12.43 -16.96
CA SER A 363 -13.16 -13.39 -17.22
C SER A 363 -12.13 -12.84 -18.17
N ALA A 364 -12.56 -12.02 -19.15
CA ALA A 364 -11.63 -11.43 -20.08
C ALA A 364 -10.63 -10.52 -19.35
N GLU A 365 -11.09 -9.75 -18.37
CA GLU A 365 -10.21 -8.84 -17.66
C GLU A 365 -9.11 -9.57 -16.92
N VAL A 366 -9.38 -10.78 -16.42
CA VAL A 366 -8.33 -11.58 -15.81
C VAL A 366 -7.23 -11.85 -16.83
N ILE A 367 -7.62 -12.25 -18.04
CA ILE A 367 -6.64 -12.54 -19.08
C ILE A 367 -5.96 -11.27 -19.56
N PHE A 368 -6.72 -10.18 -19.72
CA PHE A 368 -6.13 -8.90 -20.10
C PHE A 368 -5.05 -8.50 -19.10
N SER A 369 -5.35 -8.62 -17.80
CA SER A 369 -4.39 -8.23 -16.78
C SER A 369 -3.11 -9.05 -16.88
N GLU A 370 -3.26 -10.37 -17.07
CA GLU A 370 -2.09 -11.25 -17.13
C GLU A 370 -1.38 -11.16 -18.48
N GLY A 371 -2.10 -10.82 -19.54
CA GLY A 371 -1.54 -10.80 -20.87
C GLY A 371 -0.94 -9.46 -21.27
N LEU A 372 -1.69 -8.38 -21.07
CA LEU A 372 -1.22 -7.07 -21.51
C LEU A 372 -0.08 -6.54 -20.64
N SER A 373 0.02 -6.99 -19.39
CA SER A 373 1.17 -6.60 -18.59
C SER A 373 2.46 -7.20 -19.12
N LYS A 374 2.38 -8.27 -19.92
CA LYS A 374 3.58 -8.80 -20.56
C LYS A 374 4.14 -7.81 -21.57
N ILE A 375 3.30 -6.92 -22.11
CA ILE A 375 3.80 -5.84 -22.96
C ILE A 375 4.77 -4.96 -22.19
N TRP A 376 4.46 -4.66 -20.94
CA TRP A 376 5.35 -3.81 -20.15
C TRP A 376 6.65 -4.54 -19.80
N ASP A 377 6.60 -5.86 -19.63
CA ASP A 377 7.84 -6.62 -19.44
C ASP A 377 8.71 -6.56 -20.70
N ASN A 378 8.07 -6.59 -21.87
CA ASN A 378 8.80 -6.41 -23.13
C ASN A 378 9.49 -5.05 -23.15
N VAL A 379 8.75 -4.00 -22.78
CA VAL A 379 9.31 -2.65 -22.77
C VAL A 379 10.46 -2.56 -21.77
N MET A 380 10.32 -3.21 -20.62
CA MET A 380 11.36 -3.18 -19.60
C MET A 380 12.55 -4.06 -19.94
N GLU A 381 12.49 -4.80 -21.06
CA GLU A 381 13.61 -5.62 -21.50
C GLU A 381 14.06 -6.60 -20.42
N VAL A 382 13.08 -7.13 -19.69
CA VAL A 382 13.37 -8.14 -18.67
C VAL A 382 14.03 -9.36 -19.31
N ASP A 383 13.41 -9.89 -20.36
CA ASP A 383 13.86 -11.10 -21.04
C ASP A 383 14.09 -10.73 -22.51
N GLY A 384 15.25 -10.13 -22.77
CA GLY A 384 15.62 -9.77 -24.13
C GLY A 384 15.29 -8.33 -24.46
N ALA A 385 15.91 -7.84 -25.53
CA ALA A 385 15.69 -6.47 -25.98
C ALA A 385 14.22 -6.26 -26.35
N TYR A 386 13.76 -5.02 -26.17
CA TYR A 386 12.42 -4.68 -26.58
C TYR A 386 12.25 -4.91 -28.08
N SER A 387 11.06 -5.38 -28.46
CA SER A 387 10.73 -5.60 -29.86
C SER A 387 9.24 -5.43 -30.05
N TYR A 388 8.84 -4.53 -30.96
CA TYR A 388 7.43 -4.40 -31.27
C TYR A 388 6.85 -5.72 -31.80
N ASP A 389 7.67 -6.51 -32.50
CA ASP A 389 7.20 -7.80 -32.99
C ASP A 389 6.72 -8.69 -31.84
N LYS A 390 7.39 -8.59 -30.69
CA LYS A 390 6.98 -9.39 -29.54
C LYS A 390 5.65 -8.88 -28.98
N THR A 391 5.45 -7.56 -28.96
CA THR A 391 4.16 -7.02 -28.56
C THR A 391 3.05 -7.55 -29.46
N VAL A 392 3.30 -7.60 -30.77
CA VAL A 392 2.29 -8.10 -31.69
C VAL A 392 1.95 -9.55 -31.36
N GLN A 393 2.97 -10.35 -31.05
CA GLN A 393 2.73 -11.75 -30.72
C GLN A 393 1.95 -11.88 -29.42
N ILE A 394 2.26 -11.05 -28.43
CA ILE A 394 1.51 -11.06 -27.18
C ILE A 394 0.05 -10.73 -27.43
N VAL A 395 -0.22 -9.71 -28.23
CA VAL A 395 -1.59 -9.28 -28.48
C VAL A 395 -2.36 -10.34 -29.25
N LYS A 396 -1.72 -10.96 -30.24
CA LYS A 396 -2.36 -12.05 -30.97
C LYS A 396 -2.78 -13.17 -30.04
N ASP A 397 -1.88 -13.58 -29.15
CA ASP A 397 -2.19 -14.66 -28.22
C ASP A 397 -3.33 -14.27 -27.30
N VAL A 398 -3.29 -13.06 -26.74
CA VAL A 398 -4.38 -12.61 -25.88
C VAL A 398 -5.70 -12.62 -26.65
N GLU A 399 -5.68 -12.16 -27.90
CA GLU A 399 -6.90 -12.14 -28.69
C GLU A 399 -7.48 -13.54 -28.86
N SER A 400 -6.62 -14.53 -29.11
CA SER A 400 -7.09 -15.91 -29.20
C SER A 400 -7.77 -16.34 -27.91
N GLN A 401 -7.17 -16.03 -26.77
CA GLN A 401 -7.79 -16.36 -25.49
C GLN A 401 -9.15 -15.70 -25.33
N ILE A 402 -9.24 -14.40 -25.61
CA ILE A 402 -10.48 -13.67 -25.40
C ILE A 402 -11.57 -14.19 -26.34
N ASN A 403 -11.21 -14.51 -27.58
CA ASN A 403 -12.19 -15.09 -28.49
C ASN A 403 -12.76 -16.39 -27.92
N GLN A 404 -11.92 -17.18 -27.26
CA GLN A 404 -12.40 -18.44 -26.68
C GLN A 404 -13.36 -18.19 -25.53
N ILE A 405 -13.11 -17.14 -24.72
CA ILE A 405 -14.03 -16.81 -23.64
C ILE A 405 -15.36 -16.32 -24.19
N LEU A 406 -15.31 -15.47 -25.22
CA LEU A 406 -16.54 -15.01 -25.87
C LEU A 406 -17.10 -16.11 -26.77
N VAL B 2 -21.82 -3.74 20.37
CA VAL B 2 -20.71 -2.80 20.40
C VAL B 2 -19.74 -3.09 19.26
N LYS B 3 -19.44 -2.06 18.48
CA LYS B 3 -18.47 -2.16 17.39
C LYS B 3 -17.19 -1.47 17.82
N LEU B 4 -16.14 -2.27 18.06
CA LEU B 4 -14.83 -1.70 18.34
C LEU B 4 -14.13 -1.34 17.03
N THR B 5 -13.52 -0.17 16.96
CA THR B 5 -12.72 0.24 15.80
C THR B 5 -11.26 0.20 16.26
N MET B 6 -10.38 -0.24 15.40
CA MET B 6 -8.97 -0.23 15.78
C MET B 6 -8.10 0.11 14.57
N TRP B 7 -7.03 0.88 14.78
CA TRP B 7 -6.06 1.20 13.72
C TRP B 7 -4.93 0.17 13.75
N ILE B 8 -4.45 -0.27 12.60
CA ILE B 8 -3.31 -1.21 12.54
C ILE B 8 -2.34 -0.70 11.48
N MET B 9 -1.04 -0.80 11.72
CA MET B 9 -0.06 -0.44 10.71
C MET B 9 0.28 -1.65 9.85
N PRO B 10 0.55 -1.47 8.55
CA PRO B 10 0.71 -2.63 7.68
C PRO B 10 2.11 -3.22 7.69
N ASN B 11 2.18 -4.56 7.68
CA ASN B 11 3.40 -5.29 7.39
C ASN B 11 3.09 -6.48 6.49
N SER B 12 2.05 -6.35 5.67
CA SER B 12 1.56 -7.41 4.81
C SER B 12 0.70 -6.77 3.72
N ASP B 13 0.44 -7.54 2.67
CA ASP B 13 -0.42 -7.05 1.60
C ASP B 13 -1.90 -7.26 1.88
N THR B 14 -2.24 -7.88 3.02
CA THR B 14 -3.64 -8.05 3.43
C THR B 14 -3.73 -7.77 4.93
N PRO B 15 -3.48 -6.54 5.35
CA PRO B 15 -3.49 -6.25 6.80
C PRO B 15 -4.83 -6.50 7.47
N ASP B 16 -5.92 -6.02 6.87
CA ASP B 16 -7.24 -6.18 7.48
C ASP B 16 -7.65 -7.64 7.55
N GLN B 17 -7.41 -8.40 6.48
CA GLN B 17 -7.82 -9.80 6.46
C GLN B 17 -6.98 -10.63 7.44
N ASP B 18 -5.70 -10.31 7.57
CA ASP B 18 -4.87 -10.97 8.58
C ASP B 18 -5.44 -10.74 9.98
N LEU B 19 -5.76 -9.48 10.30
CA LEU B 19 -6.29 -9.16 11.62
C LEU B 19 -7.61 -9.90 11.87
N LEU B 20 -8.55 -9.81 10.93
CA LEU B 20 -9.84 -10.46 11.11
C LEU B 20 -9.70 -11.97 11.27
N LYS B 21 -8.66 -12.55 10.67
CA LYS B 21 -8.43 -13.98 10.84
C LYS B 21 -8.07 -14.30 12.29
N VAL B 22 -7.36 -13.41 12.96
CA VAL B 22 -6.90 -13.66 14.32
C VAL B 22 -8.04 -13.42 15.32
N VAL B 23 -8.89 -12.43 15.06
CA VAL B 23 -9.92 -12.08 16.05
C VAL B 23 -11.23 -12.84 15.84
N LYS B 24 -11.39 -13.55 14.74
CA LYS B 24 -12.64 -14.29 14.52
C LYS B 24 -13.02 -15.17 15.70
N PRO B 25 -12.10 -15.90 16.35
CA PRO B 25 -12.50 -16.66 17.55
C PRO B 25 -13.04 -15.77 18.66
N PHE B 26 -12.57 -14.52 18.74
CA PHE B 26 -13.08 -13.59 19.73
C PHE B 26 -14.52 -13.19 19.41
N THR B 27 -14.76 -12.76 18.17
CA THR B 27 -16.11 -12.33 17.80
C THR B 27 -17.08 -13.50 17.74
N ASP B 28 -16.58 -14.72 17.49
CA ASP B 28 -17.45 -15.89 17.51
C ASP B 28 -17.91 -16.21 18.93
N ALA B 29 -17.05 -15.98 19.92
CA ALA B 29 -17.38 -16.25 21.32
C ALA B 29 -18.13 -15.11 21.97
N ASN B 30 -17.93 -13.88 21.52
CA ASN B 30 -18.60 -12.70 22.06
C ASN B 30 -19.55 -12.16 20.98
N PRO B 31 -20.78 -12.67 20.89
CA PRO B 31 -21.64 -12.30 19.76
C PRO B 31 -22.04 -10.84 19.74
N HIS B 32 -21.86 -10.11 20.84
CA HIS B 32 -22.27 -8.72 20.92
C HIS B 32 -21.11 -7.74 20.83
N ILE B 33 -19.94 -8.20 20.38
CA ILE B 33 -18.81 -7.33 20.12
C ILE B 33 -18.31 -7.63 18.71
N THR B 34 -18.11 -6.59 17.91
CA THR B 34 -17.50 -6.71 16.60
C THR B 34 -16.26 -5.82 16.55
N VAL B 35 -15.36 -6.14 15.63
CA VAL B 35 -14.08 -5.47 15.51
C VAL B 35 -13.90 -5.03 14.06
N GLU B 36 -13.61 -3.74 13.86
CA GLU B 36 -13.42 -3.18 12.52
C GLU B 36 -12.04 -2.56 12.41
N PRO B 37 -11.08 -3.18 11.72
CA PRO B 37 -9.76 -2.58 11.59
C PRO B 37 -9.71 -1.57 10.45
N THR B 38 -8.82 -0.60 10.61
CA THR B 38 -8.52 0.38 9.57
C THR B 38 -7.00 0.53 9.51
N VAL B 39 -6.46 0.55 8.29
CA VAL B 39 -5.02 0.61 8.09
C VAL B 39 -4.55 2.06 8.12
N VAL B 40 -3.47 2.30 8.86
CA VAL B 40 -2.78 3.59 8.86
C VAL B 40 -1.33 3.31 8.49
N ASP B 41 -0.85 3.95 7.43
CA ASP B 41 0.51 3.73 6.97
C ASP B 41 1.52 4.13 8.03
N TRP B 42 2.65 3.40 8.06
CA TRP B 42 3.66 3.65 9.08
C TRP B 42 4.15 5.09 9.07
N SER B 43 4.32 5.66 7.88
CA SER B 43 4.84 7.02 7.78
C SER B 43 3.88 8.04 8.37
N ALA B 44 2.58 7.72 8.43
CA ALA B 44 1.57 8.64 8.92
C ALA B 44 1.14 8.35 10.36
N ALA B 45 1.56 7.21 10.92
CA ALA B 45 0.95 6.71 12.15
C ALA B 45 1.21 7.62 13.34
N LEU B 46 2.47 8.05 13.53
CA LEU B 46 2.77 8.85 14.70
C LEU B 46 1.98 10.15 14.69
N THR B 47 1.94 10.83 13.54
CA THR B 47 1.20 12.09 13.46
C THR B 47 -0.29 11.86 13.68
N LYS B 48 -0.84 10.82 13.04
CA LYS B 48 -2.27 10.56 13.16
C LYS B 48 -2.65 10.19 14.59
N ILE B 49 -1.84 9.36 15.23
CA ILE B 49 -2.10 8.95 16.62
C ILE B 49 -2.00 10.15 17.54
N THR B 50 -0.96 10.97 17.38
CA THR B 50 -0.81 12.17 18.18
C THR B 50 -2.01 13.10 18.02
N ALA B 51 -2.40 13.39 16.77
CA ALA B 51 -3.52 14.28 16.53
C ALA B 51 -4.81 13.71 17.10
N ALA B 52 -4.96 12.38 17.07
CA ALA B 52 -6.17 11.75 17.57
C ALA B 52 -6.26 11.85 19.09
N ALA B 53 -5.12 11.74 19.78
CA ALA B 53 -5.11 11.97 21.22
C ALA B 53 -5.46 13.42 21.53
N THR B 54 -4.98 14.36 20.70
CA THR B 54 -5.24 15.77 20.96
C THR B 54 -6.69 16.15 20.67
N SER B 55 -7.27 15.60 19.61
CA SER B 55 -8.58 16.02 19.15
C SER B 55 -9.73 15.28 19.82
N GLY B 56 -9.48 14.08 20.37
CA GLY B 56 -10.55 13.27 20.88
C GLY B 56 -11.34 12.52 19.82
N GLU B 57 -10.98 12.67 18.55
CA GLU B 57 -11.59 11.93 17.44
C GLU B 57 -10.64 10.78 17.14
N ALA B 58 -11.00 9.59 17.62
CA ALA B 58 -10.07 8.47 17.62
C ALA B 58 -10.85 7.17 17.55
N PRO B 59 -10.21 6.08 17.15
CA PRO B 59 -10.83 4.76 17.30
C PRO B 59 -10.82 4.36 18.77
N ASP B 60 -11.30 3.18 19.10
CA ASP B 60 -11.22 2.70 20.49
C ASP B 60 -9.76 2.34 20.82
N ILE B 61 -9.11 1.67 19.88
CA ILE B 61 -7.77 1.07 20.08
C ILE B 61 -6.85 1.43 18.92
N THR B 62 -5.56 1.58 19.16
CA THR B 62 -4.66 1.64 18.03
C THR B 62 -3.37 0.86 18.32
N GLN B 63 -2.84 0.24 17.28
CA GLN B 63 -1.47 -0.23 17.30
C GLN B 63 -0.53 0.97 17.38
N VAL B 64 0.55 0.82 18.13
CA VAL B 64 1.59 1.85 18.22
CA VAL B 64 1.59 1.84 18.25
C VAL B 64 2.94 1.16 18.15
N GLY B 65 3.87 1.78 17.43
CA GLY B 65 5.23 1.29 17.46
C GLY B 65 5.70 1.29 18.90
N SER B 66 6.37 0.21 19.30
CA SER B 66 6.78 0.09 20.70
C SER B 66 7.58 1.30 21.18
N THR B 67 8.40 1.88 20.32
CA THR B 67 9.26 2.99 20.71
C THR B 67 8.51 4.30 20.87
N TRP B 68 7.23 4.34 20.52
CA TRP B 68 6.41 5.54 20.67
C TRP B 68 5.47 5.52 21.86
N THR B 69 5.36 4.38 22.56
CA THR B 69 4.35 4.25 23.60
C THR B 69 4.48 5.34 24.66
N ALA B 70 5.69 5.60 25.12
CA ALA B 70 5.89 6.58 26.18
C ALA B 70 5.52 7.99 25.72
N ALA B 71 5.77 8.30 24.44
CA ALA B 71 5.42 9.63 23.94
C ALA B 71 3.92 9.85 23.99
N ILE B 72 3.14 8.84 23.56
CA ILE B 72 1.69 8.97 23.57
C ILE B 72 1.17 8.92 25.00
N GLY B 73 1.68 7.96 25.80
CA GLY B 73 1.23 7.85 27.18
C GLY B 73 1.47 9.10 27.99
N ALA B 74 2.52 9.86 27.66
CA ALA B 74 2.86 11.08 28.39
C ALA B 74 1.96 12.25 28.03
N MET B 75 1.16 12.13 26.97
CA MET B 75 0.18 13.16 26.65
C MET B 75 -0.97 13.07 27.66
N GLU B 76 -1.11 14.09 28.49
CA GLU B 76 -2.06 14.04 29.60
C GLU B 76 -3.45 13.68 29.11
N GLY B 77 -4.00 12.61 29.65
CA GLY B 77 -5.36 12.19 29.33
C GLY B 77 -5.52 11.51 27.98
N ALA B 78 -4.42 11.15 27.32
CA ALA B 78 -4.54 10.56 25.98
C ALA B 78 -5.00 9.12 26.04
N LEU B 79 -4.40 8.31 26.91
CA LEU B 79 -4.61 6.87 26.90
C LEU B 79 -5.13 6.38 28.26
N VAL B 80 -5.79 5.23 28.22
CA VAL B 80 -6.17 4.52 29.44
C VAL B 80 -4.91 3.93 30.06
N GLU B 81 -4.68 4.21 31.33
CA GLU B 81 -3.58 3.56 32.03
C GLU B 81 -3.95 2.11 32.32
N LEU B 82 -3.07 1.19 31.93
CA LEU B 82 -3.34 -0.24 32.01
C LEU B 82 -2.71 -0.90 33.22
N THR B 83 -1.98 -0.15 34.04
CA THR B 83 -1.35 -0.73 35.23
C THR B 83 -2.38 -1.48 36.05
N GLY B 84 -2.14 -2.78 36.25
CA GLY B 84 -3.01 -3.58 37.07
C GLY B 84 -4.25 -4.11 36.38
N LYS B 85 -4.49 -3.73 35.12
CA LYS B 85 -5.62 -4.26 34.38
C LYS B 85 -5.23 -5.45 33.51
N ILE B 86 -3.93 -5.64 33.27
CA ILE B 86 -3.42 -6.72 32.43
C ILE B 86 -2.46 -7.55 33.27
N ASP B 87 -2.66 -8.86 33.29
CA ASP B 87 -1.75 -9.78 33.97
C ASP B 87 -0.44 -9.82 33.18
N THR B 88 0.53 -9.02 33.61
CA THR B 88 1.81 -8.95 32.91
C THR B 88 2.78 -10.05 33.32
N SER B 89 2.45 -10.86 34.34
CA SER B 89 3.32 -11.96 34.72
C SER B 89 3.44 -13.01 33.62
N ALA B 90 2.53 -13.00 32.65
CA ALA B 90 2.51 -13.96 31.56
C ALA B 90 3.40 -13.55 30.40
N PHE B 91 3.87 -12.31 30.38
CA PHE B 91 4.60 -11.76 29.25
C PHE B 91 6.10 -12.06 29.36
N VAL B 92 6.76 -12.11 28.21
CA VAL B 92 8.21 -12.06 28.20
C VAL B 92 8.62 -10.73 28.82
N GLU B 93 9.41 -10.78 29.89
CA GLU B 93 9.65 -9.60 30.71
C GLU B 93 10.29 -8.47 29.90
N SER B 94 11.21 -8.80 28.99
CA SER B 94 11.92 -7.75 28.27
C SER B 94 11.00 -6.91 27.39
N THR B 95 9.83 -7.44 27.00
CA THR B 95 8.89 -6.70 26.18
C THR B 95 8.11 -5.65 26.96
N LEU B 96 8.16 -5.70 28.29
CA LEU B 96 7.37 -4.78 29.09
C LEU B 96 8.00 -3.40 29.21
N GLN B 97 9.31 -3.28 28.96
CA GLN B 97 9.96 -1.99 29.14
C GLN B 97 9.32 -0.92 28.26
N SER B 98 8.96 -1.27 27.03
CA SER B 98 8.41 -0.30 26.10
C SER B 98 6.97 0.06 26.40
N ALA B 99 6.30 -0.70 27.27
CA ALA B 99 4.92 -0.42 27.64
C ALA B 99 4.82 0.62 28.74
N TYR B 100 5.92 0.93 29.42
CA TYR B 100 5.95 1.88 30.52
C TYR B 100 6.65 3.16 30.10
N ILE B 101 6.35 4.24 30.80
CA ILE B 101 7.16 5.45 30.74
C ILE B 101 8.34 5.24 31.69
N LYS B 102 9.56 5.29 31.15
CA LYS B 102 10.75 4.98 31.93
C LYS B 102 10.82 5.83 33.19
N GLY B 103 11.19 5.20 34.31
CA GLY B 103 11.28 5.87 35.59
C GLY B 103 9.98 5.98 36.34
N THR B 104 8.84 5.74 35.68
CA THR B 104 7.54 5.70 36.33
C THR B 104 7.07 4.26 36.41
N ASP B 105 6.01 4.06 37.18
CA ASP B 105 5.29 2.79 37.18
C ASP B 105 3.99 2.90 36.39
N LYS B 106 3.99 3.70 35.33
CA LYS B 106 2.80 3.94 34.53
C LYS B 106 2.89 3.14 33.23
N MET B 107 1.99 2.19 33.08
CA MET B 107 1.90 1.36 31.88
C MET B 107 0.75 1.89 31.03
N PHE B 108 1.05 2.34 29.81
CA PHE B 108 0.04 2.89 28.92
C PHE B 108 -0.16 2.06 27.66
N GLY B 109 0.64 1.01 27.45
CA GLY B 109 0.41 0.10 26.35
C GLY B 109 0.53 -1.33 26.82
N MET B 110 -0.06 -2.23 26.03
CA MET B 110 0.13 -3.66 26.20
C MET B 110 1.04 -4.18 25.10
N PRO B 111 2.12 -4.89 25.43
CA PRO B 111 2.92 -5.50 24.37
C PRO B 111 2.04 -6.40 23.52
N TRP B 112 2.25 -6.33 22.20
CA TRP B 112 1.47 -7.12 21.25
C TRP B 112 2.34 -8.10 20.48
N PHE B 113 3.35 -7.62 19.77
CA PHE B 113 4.30 -8.49 19.10
C PHE B 113 5.68 -7.85 19.13
N THR B 114 6.69 -8.68 18.89
CA THR B 114 8.08 -8.29 18.90
C THR B 114 8.69 -8.58 17.53
N GLU B 115 9.72 -7.82 17.18
CA GLU B 115 10.47 -8.14 15.97
C GLU B 115 11.92 -7.75 16.18
N THR B 116 12.77 -8.27 15.30
CA THR B 116 14.19 -7.92 15.23
C THR B 116 14.61 -8.05 13.78
N ARG B 117 15.81 -7.56 13.47
CA ARG B 117 16.35 -7.61 12.12
C ARG B 117 17.50 -8.61 12.10
N ALA B 118 17.40 -9.61 11.23
CA ALA B 118 18.42 -10.65 11.11
C ALA B 118 18.99 -10.63 9.70
N LEU B 119 20.03 -11.44 9.49
CA LEU B 119 20.80 -11.41 8.26
C LEU B 119 20.31 -12.50 7.32
N PHE B 120 19.53 -12.12 6.31
CA PHE B 120 19.12 -13.06 5.28
C PHE B 120 20.24 -13.26 4.28
N TYR B 121 20.38 -14.48 3.77
CA TYR B 121 21.40 -14.76 2.77
C TYR B 121 20.85 -15.71 1.73
N ARG B 122 21.43 -15.64 0.52
CA ARG B 122 21.08 -16.52 -0.60
C ARG B 122 22.01 -17.74 -0.49
N LYS B 123 21.47 -18.91 -0.23
CA LYS B 123 22.28 -20.11 -0.10
C LYS B 123 23.05 -20.39 -1.38
N ASP B 124 22.42 -20.17 -2.54
CA ASP B 124 23.08 -20.50 -3.81
C ASP B 124 24.24 -19.56 -4.08
N ALA B 125 24.09 -18.28 -3.70
CA ALA B 125 25.17 -17.32 -3.86
C ALA B 125 26.36 -17.68 -2.96
N CYS B 126 26.10 -17.94 -1.69
CA CYS B 126 27.16 -18.31 -0.76
C CYS B 126 27.89 -19.56 -1.24
N GLU B 127 27.14 -20.59 -1.64
CA GLU B 127 27.75 -21.82 -2.12
C GLU B 127 28.73 -21.55 -3.26
N LYS B 128 28.35 -20.70 -4.20
CA LYS B 128 29.20 -20.45 -5.36
C LYS B 128 30.41 -19.59 -4.98
N ALA B 129 30.25 -18.70 -4.01
CA ALA B 129 31.33 -17.81 -3.60
C ALA B 129 32.30 -18.47 -2.63
N GLY B 130 31.99 -19.65 -2.11
CA GLY B 130 32.83 -20.27 -1.12
C GLY B 130 32.62 -19.74 0.28
N VAL B 131 31.43 -19.20 0.57
CA VAL B 131 31.09 -18.66 1.87
C VAL B 131 30.19 -19.66 2.58
N ASN B 132 30.57 -20.05 3.80
CA ASN B 132 29.71 -20.88 4.63
C ASN B 132 28.83 -19.93 5.45
N PRO B 133 27.53 -19.83 5.15
CA PRO B 133 26.72 -18.80 5.81
C PRO B 133 26.49 -19.04 7.28
N GLU B 134 26.74 -20.24 7.78
CA GLU B 134 26.54 -20.53 9.19
C GLU B 134 27.77 -20.27 10.04
N THR B 135 28.92 -19.96 9.42
CA THR B 135 30.13 -19.68 10.19
C THR B 135 30.77 -18.35 9.81
N ASP B 136 30.69 -17.99 8.53
CA ASP B 136 31.50 -16.90 7.99
C ASP B 136 30.88 -15.51 8.19
N PHE B 137 29.69 -15.42 8.77
CA PHE B 137 29.08 -14.14 9.14
C PHE B 137 29.13 -13.90 10.65
N ALA B 138 29.95 -14.66 11.38
CA ALA B 138 29.81 -14.71 12.84
C ALA B 138 30.26 -13.42 13.51
N THR B 139 31.26 -12.74 12.96
CA THR B 139 31.80 -11.51 13.54
C THR B 139 31.86 -10.43 12.47
N TRP B 140 32.09 -9.19 12.91
CA TRP B 140 32.20 -8.07 11.98
C TRP B 140 33.28 -8.32 10.94
N ASP B 141 34.45 -8.77 11.38
CA ASP B 141 35.57 -8.95 10.46
C ASP B 141 35.32 -10.10 9.50
N LYS B 142 34.76 -11.21 9.99
CA LYS B 142 34.43 -12.31 9.10
C LYS B 142 33.33 -11.92 8.14
N PHE B 143 32.32 -11.19 8.62
CA PHE B 143 31.23 -10.72 7.77
C PHE B 143 31.75 -9.85 6.63
N LYS B 144 32.66 -8.92 6.95
CA LYS B 144 33.23 -8.09 5.90
C LYS B 144 34.05 -8.90 4.92
N ASP B 145 34.81 -9.89 5.41
CA ASP B 145 35.57 -10.76 4.53
C ASP B 145 34.64 -11.54 3.60
N ALA B 146 33.47 -11.95 4.10
CA ALA B 146 32.50 -12.67 3.28
C ALA B 146 31.93 -11.77 2.18
N LEU B 147 31.60 -10.52 2.52
CA LEU B 147 31.11 -9.59 1.52
C LEU B 147 32.14 -9.39 0.41
N LYS B 148 33.42 -9.34 0.78
CA LYS B 148 34.48 -9.27 -0.23
C LYS B 148 34.44 -10.50 -1.14
N LYS B 149 34.18 -11.67 -0.58
CA LYS B 149 34.08 -12.88 -1.40
C LYS B 149 32.84 -12.86 -2.28
N LEU B 150 31.73 -12.34 -1.76
CA LEU B 150 30.47 -12.32 -2.49
C LEU B 150 30.40 -11.19 -3.52
N ASN B 151 31.24 -10.17 -3.38
CA ASN B 151 31.10 -8.97 -4.18
C ASN B 151 31.18 -9.30 -5.66
N GLY B 152 30.12 -8.97 -6.40
CA GLY B 152 30.10 -9.16 -7.83
C GLY B 152 30.00 -10.60 -8.27
N ILE B 153 29.30 -11.44 -7.52
CA ILE B 153 29.14 -12.83 -7.89
C ILE B 153 27.91 -12.97 -8.77
N GLU B 154 27.99 -13.89 -9.73
CA GLU B 154 26.89 -14.17 -10.65
C GLU B 154 26.22 -15.47 -10.27
N VAL B 155 24.90 -15.45 -10.18
CA VAL B 155 24.10 -16.64 -9.94
C VAL B 155 23.01 -16.67 -11.01
N ASP B 156 22.77 -17.86 -11.56
CA ASP B 156 21.91 -17.95 -12.74
C ASP B 156 22.60 -17.18 -13.86
N GLY B 157 22.13 -15.97 -14.18
CA GLY B 157 22.77 -15.16 -15.19
C GLY B 157 23.00 -13.72 -14.80
N LYS B 158 22.58 -13.34 -13.60
CA LYS B 158 22.64 -11.95 -13.15
C LYS B 158 23.75 -11.75 -12.11
N LYS B 159 24.23 -10.51 -12.04
CA LYS B 159 25.20 -10.12 -11.04
C LYS B 159 24.47 -9.67 -9.77
N LEU B 160 24.92 -10.17 -8.62
CA LEU B 160 24.33 -9.82 -7.34
C LEU B 160 25.25 -8.87 -6.59
N ALA B 161 24.65 -7.89 -5.93
CA ALA B 161 25.36 -7.11 -4.94
C ALA B 161 25.45 -7.91 -3.65
N ALA B 162 26.57 -7.73 -2.93
CA ALA B 162 26.80 -8.54 -1.74
C ALA B 162 25.79 -8.23 -0.65
N LEU B 163 25.44 -6.96 -0.47
CA LEU B 163 24.56 -6.56 0.61
C LEU B 163 23.70 -5.40 0.15
N GLY B 164 22.39 -5.52 0.32
CA GLY B 164 21.48 -4.44 -0.02
C GLY B 164 20.77 -3.90 1.20
N MET B 165 20.90 -2.60 1.45
CA MET B 165 20.22 -1.95 2.56
C MET B 165 19.70 -0.60 2.11
N PRO B 166 18.59 -0.14 2.69
CA PRO B 166 18.02 1.15 2.31
C PRO B 166 18.71 2.31 3.00
N GLY B 167 18.56 3.48 2.39
CA GLY B 167 19.14 4.70 2.94
C GLY B 167 18.16 5.85 2.95
N LYS B 168 16.98 5.66 2.36
CA LYS B 168 16.00 6.73 2.27
C LYS B 168 15.29 6.93 3.60
N ASN B 169 14.76 8.13 3.81
CA ASN B 169 14.12 8.49 5.06
C ASN B 169 12.89 7.64 5.32
N ASP B 170 12.98 6.77 6.34
CA ASP B 170 11.82 6.15 6.95
C ASP B 170 12.23 5.78 8.37
N TRP B 171 11.28 5.24 9.14
CA TRP B 171 11.57 4.99 10.55
C TRP B 171 12.75 4.05 10.73
N ASN B 172 13.08 3.25 9.72
CA ASN B 172 14.13 2.25 9.87
C ASN B 172 15.54 2.81 9.74
N VAL B 173 15.68 4.11 9.42
CA VAL B 173 17.01 4.70 9.33
C VAL B 173 17.77 4.50 10.63
N VAL B 174 17.15 4.84 11.76
CA VAL B 174 17.84 4.71 13.03
C VAL B 174 17.90 3.25 13.45
N HIS B 175 16.84 2.48 13.18
CA HIS B 175 16.83 1.08 13.57
C HIS B 175 17.97 0.32 12.90
N ASN B 176 18.31 0.69 11.67
CA ASN B 176 19.37 0.01 10.94
C ASN B 176 20.77 0.41 11.40
N PHE B 177 20.92 1.59 12.02
CA PHE B 177 22.18 1.92 12.65
C PHE B 177 22.30 1.34 14.05
N SER B 178 21.17 1.07 14.71
CA SER B 178 21.16 0.84 16.15
C SER B 178 22.18 -0.24 16.56
N TRP B 179 22.09 -1.43 15.97
CA TRP B 179 22.91 -2.53 16.47
C TRP B 179 24.37 -2.43 16.03
N TRP B 180 24.68 -1.61 15.03
CA TRP B 180 26.08 -1.31 14.75
C TRP B 180 26.66 -0.40 15.82
N ILE B 181 25.87 0.56 16.30
CA ILE B 181 26.30 1.41 17.41
C ILE B 181 26.48 0.56 18.67
N TYR B 182 25.48 -0.29 18.98
CA TYR B 182 25.59 -1.14 20.16
C TYR B 182 26.79 -2.07 20.06
N GLY B 183 26.96 -2.73 18.90
CA GLY B 183 28.03 -3.70 18.73
C GLY B 183 29.42 -3.08 18.75
N ALA B 184 29.53 -1.79 18.44
CA ALA B 184 30.80 -1.08 18.57
C ALA B 184 31.10 -0.70 20.01
N GLY B 185 30.12 -0.77 20.89
CA GLY B 185 30.28 -0.35 22.26
C GLY B 185 29.76 1.03 22.58
N GLY B 186 28.78 1.53 21.83
CA GLY B 186 28.14 2.79 22.12
C GLY B 186 26.66 2.62 22.42
N ASP B 187 26.01 3.75 22.68
CA ASP B 187 24.59 3.77 22.95
C ASP B 187 24.04 5.12 22.49
N PHE B 188 22.71 5.22 22.42
CA PHE B 188 22.09 6.49 22.04
C PHE B 188 21.98 7.44 23.23
N VAL B 189 21.82 6.91 24.45
CA VAL B 189 21.60 7.71 25.64
C VAL B 189 22.34 7.09 26.82
N ASN B 190 22.41 7.87 27.90
CA ASN B 190 22.95 7.38 29.16
C ASN B 190 21.96 6.43 29.82
N GLU B 191 22.35 5.86 30.97
CA GLU B 191 21.49 4.89 31.64
C GLU B 191 20.13 5.48 31.98
N GLU B 192 20.09 6.77 32.32
CA GLU B 192 18.84 7.38 32.73
C GLU B 192 17.96 7.77 31.56
N GLY B 193 18.49 7.79 30.35
CA GLY B 193 17.70 8.17 29.19
C GLY B 193 17.46 9.66 29.08
N THR B 194 18.36 10.47 29.65
CA THR B 194 18.17 11.92 29.73
C THR B 194 19.20 12.71 28.93
N GLN B 195 20.17 12.05 28.33
CA GLN B 195 21.29 12.72 27.67
C GLN B 195 21.70 11.87 26.46
N ALA B 196 21.93 12.53 25.32
CA ALA B 196 22.34 11.83 24.12
C ALA B 196 23.84 11.55 24.15
N THR B 197 24.23 10.35 23.69
CA THR B 197 25.63 9.92 23.79
C THR B 197 26.13 9.19 22.55
N PHE B 198 25.47 9.34 21.41
CA PHE B 198 25.87 8.60 20.21
C PHE B 198 26.93 9.33 19.38
N SER B 199 27.54 10.38 19.93
CA SER B 199 28.75 10.97 19.36
CA SER B 199 28.75 10.95 19.34
C SER B 199 30.01 10.44 20.03
N SER B 200 29.88 9.46 20.90
CA SER B 200 31.03 8.87 21.56
C SER B 200 31.97 8.25 20.55
N GLU B 201 33.22 8.08 20.96
CA GLU B 201 34.21 7.41 20.14
C GLU B 201 33.67 6.08 19.62
N ASN B 202 33.12 5.26 20.51
CA ASN B 202 32.63 3.93 20.12
C ASN B 202 31.43 4.02 19.19
N ALA B 203 30.46 4.90 19.49
CA ALA B 203 29.29 5.01 18.63
C ALA B 203 29.69 5.42 17.21
N LEU B 204 30.63 6.36 17.09
CA LEU B 204 31.11 6.76 15.78
C LEU B 204 31.84 5.61 15.07
N LYS B 205 32.54 4.77 15.83
CA LYS B 205 33.22 3.63 15.23
C LYS B 205 32.24 2.68 14.55
N GLY B 206 31.06 2.48 15.16
CA GLY B 206 30.06 1.63 14.55
C GLY B 206 29.40 2.29 13.35
N ILE B 207 29.12 3.59 13.46
CA ILE B 207 28.56 4.32 12.33
C ILE B 207 29.52 4.28 11.15
N LYS B 208 30.82 4.45 11.44
CA LYS B 208 31.83 4.45 10.39
C LYS B 208 31.96 3.07 9.74
N PHE B 209 32.06 2.02 10.55
CA PHE B 209 32.23 0.68 10.00
C PHE B 209 31.08 0.34 9.05
N TYR B 210 29.86 0.57 9.50
CA TYR B 210 28.69 0.21 8.70
C TYR B 210 28.59 1.07 7.45
N SER B 211 28.68 2.39 7.61
CA SER B 211 28.48 3.26 6.45
C SER B 211 29.58 3.07 5.41
N GLU B 212 30.81 2.80 5.84
CA GLU B 212 31.91 2.66 4.89
C GLU B 212 31.93 1.30 4.20
N LEU B 213 31.04 0.37 4.57
CA LEU B 213 30.82 -0.80 3.71
C LEU B 213 30.34 -0.35 2.33
N ALA B 214 29.50 0.69 2.28
CA ALA B 214 29.00 1.20 1.01
C ALA B 214 30.05 2.01 0.28
N VAL B 215 30.85 2.80 1.02
CA VAL B 215 31.96 3.53 0.40
C VAL B 215 32.91 2.55 -0.28
N GLU B 216 33.20 1.43 0.38
CA GLU B 216 34.17 0.46 -0.13
C GLU B 216 33.60 -0.42 -1.24
N GLY B 217 32.30 -0.30 -1.55
CA GLY B 217 31.70 -1.06 -2.61
C GLY B 217 31.13 -2.41 -2.21
N LEU B 218 31.17 -2.74 -0.92
CA LEU B 218 30.64 -4.03 -0.46
C LEU B 218 29.12 -3.97 -0.27
N MET B 219 28.62 -2.85 0.24
CA MET B 219 27.19 -2.60 0.29
CA MET B 219 27.19 -2.60 0.29
C MET B 219 26.78 -1.87 -0.99
N ASP B 220 25.61 -2.24 -1.52
CA ASP B 220 25.16 -1.68 -2.80
C ASP B 220 24.83 -0.21 -2.64
N GLU B 221 25.58 0.65 -3.33
CA GLU B 221 25.43 2.10 -3.19
C GLU B 221 24.11 2.58 -3.78
N PRO B 222 23.70 2.10 -4.97
CA PRO B 222 22.42 2.56 -5.51
C PRO B 222 21.22 2.20 -4.65
N SER B 223 21.30 1.09 -3.89
CA SER B 223 20.20 0.72 -3.01
C SER B 223 19.96 1.74 -1.91
N LEU B 224 20.95 2.57 -1.60
CA LEU B 224 20.80 3.57 -0.54
C LEU B 224 19.82 4.67 -0.92
N GLU B 225 19.47 4.79 -2.21
CA GLU B 225 18.47 5.76 -2.64
C GLU B 225 17.05 5.29 -2.34
N LYS B 226 16.86 4.04 -1.94
CA LYS B 226 15.54 3.44 -1.79
C LYS B 226 15.21 3.27 -0.31
N ASN B 227 13.93 3.02 -0.04
CA ASN B 227 13.45 2.82 1.32
C ASN B 227 13.36 1.33 1.62
N THR B 228 12.91 1.01 2.84
CA THR B 228 12.91 -0.38 3.29
C THR B 228 12.02 -1.24 2.40
N SER B 229 10.82 -0.77 2.08
CA SER B 229 9.90 -1.55 1.26
C SER B 229 10.52 -1.95 -0.07
N ASP B 230 11.23 -1.02 -0.71
CA ASP B 230 11.81 -1.31 -2.02
C ASP B 230 12.97 -2.27 -1.92
N ILE B 231 13.75 -2.21 -0.83
CA ILE B 231 14.87 -3.13 -0.66
C ILE B 231 14.37 -4.53 -0.36
N GLU B 232 13.30 -4.65 0.43
CA GLU B 232 12.69 -5.95 0.68
C GLU B 232 12.22 -6.59 -0.63
N SER B 233 11.54 -5.81 -1.47
CA SER B 233 11.07 -6.32 -2.75
C SER B 233 12.23 -6.77 -3.63
N ALA B 234 13.32 -5.99 -3.65
CA ALA B 234 14.43 -6.32 -4.53
C ALA B 234 15.15 -7.58 -4.06
N PHE B 235 15.29 -7.77 -2.75
CA PHE B 235 15.84 -9.03 -2.27
C PHE B 235 14.95 -10.19 -2.68
N GLY B 236 13.64 -10.00 -2.62
CA GLY B 236 12.71 -11.03 -3.05
C GLY B 236 12.79 -11.34 -4.53
N ASP B 237 13.30 -10.40 -5.33
CA ASP B 237 13.51 -10.63 -6.75
C ASP B 237 14.93 -11.11 -7.05
N GLY B 238 15.74 -11.36 -6.02
CA GLY B 238 17.05 -11.93 -6.21
C GLY B 238 18.18 -10.95 -6.41
N ALA B 239 18.04 -9.72 -5.92
CA ALA B 239 19.00 -8.66 -6.25
C ALA B 239 20.27 -8.73 -5.40
N TYR B 240 20.22 -9.33 -4.22
CA TYR B 240 21.32 -9.25 -3.27
C TYR B 240 21.66 -10.62 -2.69
N ALA B 241 22.94 -10.80 -2.39
CA ALA B 241 23.37 -12.00 -1.68
C ALA B 241 22.92 -11.98 -0.23
N THR B 242 22.87 -10.80 0.39
CA THR B 242 22.49 -10.67 1.79
C THR B 242 21.72 -9.38 2.01
N ALA B 243 21.05 -9.30 3.15
CA ALA B 243 20.32 -8.11 3.57
C ALA B 243 19.81 -8.32 4.98
N PHE B 244 19.78 -7.24 5.78
CA PHE B 244 19.24 -7.27 7.13
C PHE B 244 17.77 -6.86 7.07
N MET B 245 16.88 -7.76 7.49
CA MET B 245 15.45 -7.52 7.35
C MET B 245 14.72 -8.18 8.52
N GLY B 246 13.48 -7.75 8.72
CA GLY B 246 12.64 -8.34 9.74
C GLY B 246 11.97 -9.60 9.24
N PRO B 247 11.32 -10.32 10.16
CA PRO B 247 10.77 -11.64 9.82
C PRO B 247 9.57 -11.58 8.89
N TRP B 248 8.87 -10.44 8.82
CA TRP B 248 7.66 -10.35 8.01
C TRP B 248 7.93 -10.59 6.52
N VAL B 249 9.15 -10.35 6.05
CA VAL B 249 9.44 -10.55 4.63
C VAL B 249 9.25 -12.01 4.25
N ILE B 250 9.41 -12.93 5.22
CA ILE B 250 9.21 -14.35 4.95
C ILE B 250 7.82 -14.60 4.38
N SER B 251 6.82 -13.88 4.90
CA SER B 251 5.46 -14.03 4.38
C SER B 251 5.36 -13.53 2.95
N SER B 252 5.97 -12.39 2.65
CA SER B 252 5.93 -11.85 1.29
C SER B 252 6.55 -12.82 0.30
N TYR B 253 7.72 -13.38 0.64
CA TYR B 253 8.41 -14.27 -0.29
C TYR B 253 7.69 -15.59 -0.43
N THR B 254 7.04 -16.07 0.63
CA THR B 254 6.21 -17.28 0.50
C THR B 254 5.04 -17.02 -0.44
N LYS B 255 4.46 -15.82 -0.39
CA LYS B 255 3.35 -15.49 -1.28
C LYS B 255 3.82 -15.38 -2.72
N ASN B 256 5.04 -14.84 -2.94
CA ASN B 256 5.57 -14.75 -4.29
C ASN B 256 5.74 -16.12 -4.92
N LYS B 257 6.07 -17.14 -4.11
CA LYS B 257 6.23 -18.48 -4.65
C LYS B 257 4.89 -19.07 -5.08
N GLU B 258 3.83 -18.83 -4.29
CA GLU B 258 2.52 -19.37 -4.64
C GLU B 258 1.90 -18.59 -5.80
N GLU B 259 2.00 -17.27 -5.77
CA GLU B 259 1.28 -16.43 -6.72
C GLU B 259 2.01 -16.28 -8.04
N ASN B 260 3.34 -16.32 -8.03
CA ASN B 260 4.10 -15.98 -9.23
C ASN B 260 5.23 -16.96 -9.53
N GLY B 261 5.30 -18.10 -8.86
CA GLY B 261 6.34 -19.06 -9.12
C GLY B 261 7.74 -18.59 -8.79
N ASN B 262 7.86 -17.59 -7.93
CA ASN B 262 9.17 -17.06 -7.52
C ASN B 262 9.72 -17.95 -6.41
N ASP B 263 10.75 -18.73 -6.72
CA ASP B 263 11.30 -19.71 -5.79
C ASP B 263 12.40 -19.14 -4.89
N LEU B 264 12.44 -17.82 -4.73
CA LEU B 264 13.48 -17.20 -3.90
C LEU B 264 13.43 -17.70 -2.46
N ILE B 265 12.23 -17.91 -1.93
CA ILE B 265 12.10 -18.34 -0.53
C ILE B 265 12.82 -19.67 -0.31
N ASP B 266 12.87 -20.53 -1.32
CA ASP B 266 13.50 -21.83 -1.17
C ASP B 266 15.01 -21.78 -1.21
N LYS B 267 15.60 -20.63 -1.52
CA LYS B 267 17.05 -20.51 -1.70
C LYS B 267 17.71 -19.63 -0.65
N ILE B 268 16.99 -19.26 0.41
CA ILE B 268 17.53 -18.33 1.40
C ILE B 268 17.58 -18.99 2.76
N GLY B 269 18.53 -18.52 3.58
CA GLY B 269 18.56 -18.80 4.99
C GLY B 269 18.64 -17.49 5.76
N VAL B 270 18.71 -17.62 7.08
CA VAL B 270 18.86 -16.47 7.95
C VAL B 270 19.78 -16.84 9.10
N THR B 271 20.62 -15.90 9.51
CA THR B 271 21.46 -16.09 10.68
C THR B 271 21.47 -14.81 11.49
N MET B 272 22.03 -14.89 12.70
CA MET B 272 22.04 -13.73 13.58
C MET B 272 23.00 -12.68 13.03
N VAL B 273 22.78 -11.43 13.46
CA VAL B 273 23.64 -10.32 13.06
C VAL B 273 25.06 -10.61 13.54
N PRO B 274 26.08 -10.16 12.82
CA PRO B 274 27.46 -10.45 13.24
C PRO B 274 27.79 -9.83 14.59
N GLU B 275 28.67 -10.53 15.32
CA GLU B 275 29.13 -10.07 16.62
C GLU B 275 30.20 -9.00 16.47
N GLY B 276 30.02 -7.87 17.17
CA GLY B 276 30.98 -6.79 17.14
C GLY B 276 31.91 -6.78 18.33
N PRO B 277 32.77 -5.76 18.43
CA PRO B 277 33.74 -5.74 19.53
C PRO B 277 33.13 -5.66 20.91
N ALA B 278 31.87 -5.22 21.02
CA ALA B 278 31.20 -5.15 22.31
C ALA B 278 30.50 -6.44 22.69
N GLY B 279 30.47 -7.42 21.80
CA GLY B 279 29.57 -8.55 21.90
C GLY B 279 28.45 -8.41 20.88
N ARG B 280 27.54 -9.39 20.90
CA ARG B 280 26.43 -9.40 19.97
C ARG B 280 25.25 -8.61 20.55
N TYR B 281 24.75 -7.66 19.78
CA TYR B 281 23.56 -6.88 20.10
C TYR B 281 22.67 -6.82 18.87
N ALA B 282 21.36 -6.79 19.11
CA ALA B 282 20.39 -6.73 18.02
C ALA B 282 19.33 -5.68 18.35
N PHE B 283 18.67 -5.19 17.30
CA PHE B 283 17.55 -4.28 17.46
C PHE B 283 16.34 -5.03 17.99
N MET B 284 15.71 -4.49 19.02
CA MET B 284 14.47 -5.03 19.56
C MET B 284 13.36 -4.02 19.34
N GLY B 285 12.39 -4.37 18.51
CA GLY B 285 11.25 -3.54 18.25
C GLY B 285 9.96 -4.32 18.41
N GLY B 286 8.95 -3.90 17.67
CA GLY B 286 7.65 -4.48 17.74
C GLY B 286 6.62 -3.41 17.96
N SER B 287 5.39 -3.84 18.28
CA SER B 287 4.29 -2.91 18.47
C SER B 287 3.50 -3.28 19.71
N ASN B 288 2.87 -2.27 20.30
CA ASN B 288 2.01 -2.40 21.46
C ASN B 288 0.60 -1.97 21.07
N LEU B 289 -0.36 -2.29 21.94
CA LEU B 289 -1.74 -1.86 21.79
C LEU B 289 -2.11 -0.90 22.91
N VAL B 290 -2.86 0.14 22.56
CA VAL B 290 -3.30 1.14 23.53
C VAL B 290 -4.79 1.40 23.34
N ILE B 291 -5.42 1.89 24.41
CA ILE B 291 -6.83 2.27 24.41
C ILE B 291 -6.91 3.78 24.57
N PHE B 292 -7.59 4.44 23.65
CA PHE B 292 -7.78 5.88 23.76
C PHE B 292 -8.71 6.21 24.92
N ASN B 293 -8.32 7.22 25.72
CA ASN B 293 -9.14 7.67 26.82
C ASN B 293 -10.50 8.17 26.36
N SER B 294 -10.64 8.50 25.07
CA SER B 294 -11.89 8.98 24.50
C SER B 294 -12.85 7.85 24.13
N SER B 295 -12.43 6.59 24.26
CA SER B 295 -13.28 5.48 23.88
C SER B 295 -14.52 5.41 24.74
N LYS B 296 -15.66 5.12 24.11
CA LYS B 296 -16.91 4.90 24.82
C LYS B 296 -17.13 3.44 25.20
N ASN B 297 -16.21 2.55 24.84
CA ASN B 297 -16.33 1.11 25.08
C ASN B 297 -15.06 0.57 25.72
N LYS B 298 -14.64 1.18 26.83
CA LYS B 298 -13.36 0.80 27.41
C LYS B 298 -13.37 -0.61 27.97
N ASP B 299 -14.50 -1.05 28.52
CA ASP B 299 -14.58 -2.41 29.05
C ASP B 299 -14.43 -3.44 27.92
N GLU B 300 -15.12 -3.23 26.80
CA GLU B 300 -14.98 -4.15 25.67
C GLU B 300 -13.60 -4.04 25.04
N ALA B 301 -13.06 -2.82 24.97
CA ALA B 301 -11.71 -2.66 24.42
C ALA B 301 -10.70 -3.46 25.22
N LEU B 302 -10.82 -3.44 26.55
CA LEU B 302 -9.90 -4.20 27.39
C LEU B 302 -10.05 -5.70 27.15
N GLU B 303 -11.29 -6.17 26.97
CA GLU B 303 -11.50 -7.58 26.65
C GLU B 303 -10.75 -7.97 25.39
N LEU B 304 -10.77 -7.11 24.37
CA LEU B 304 -10.07 -7.43 23.13
C LEU B 304 -8.55 -7.46 23.33
N LEU B 305 -8.02 -6.50 24.09
CA LEU B 305 -6.59 -6.53 24.39
C LEU B 305 -6.21 -7.82 25.11
N LYS B 306 -7.01 -8.24 26.08
CA LYS B 306 -6.73 -9.48 26.79
C LYS B 306 -6.80 -10.68 25.85
N PHE B 307 -7.72 -10.67 24.89
CA PHE B 307 -7.76 -11.73 23.89
C PHE B 307 -6.47 -11.74 23.06
N PHE B 308 -6.00 -10.57 22.63
CA PHE B 308 -4.77 -10.52 21.83
C PHE B 308 -3.56 -11.02 22.60
N ALA B 309 -3.63 -11.01 23.94
CA ALA B 309 -2.56 -11.55 24.77
C ALA B 309 -2.72 -13.04 25.06
N SER B 310 -3.85 -13.64 24.69
CA SER B 310 -4.05 -15.06 24.92
C SER B 310 -3.08 -15.88 24.08
N LYS B 311 -2.69 -17.05 24.59
CA LYS B 311 -1.76 -17.90 23.86
C LYS B 311 -2.27 -18.16 22.45
N GLU B 312 -3.54 -18.56 22.33
CA GLU B 312 -4.10 -18.92 21.03
C GLU B 312 -3.97 -17.76 20.04
N ALA B 313 -4.30 -16.54 20.47
CA ALA B 313 -4.22 -15.39 19.58
C ALA B 313 -2.77 -15.03 19.26
N GLN B 314 -1.88 -15.14 20.26
CA GLN B 314 -0.47 -14.83 20.03
C GLN B 314 0.16 -15.76 19.00
N VAL B 315 -0.15 -17.06 19.10
CA VAL B 315 0.39 -18.01 18.14
C VAL B 315 -0.17 -17.75 16.76
N GLU B 316 -1.48 -17.54 16.66
CA GLU B 316 -2.10 -17.33 15.35
C GLU B 316 -1.60 -16.04 14.70
N TYR B 317 -1.42 -14.98 15.50
CA TYR B 317 -0.91 -13.74 14.94
C TYR B 317 0.51 -13.93 14.41
N SER B 318 1.35 -14.68 15.14
CA SER B 318 2.71 -14.93 14.68
C SER B 318 2.71 -15.75 13.39
N LYS B 319 1.83 -16.73 13.30
CA LYS B 319 1.82 -17.59 12.12
C LYS B 319 1.40 -16.81 10.87
N VAL B 320 0.46 -15.88 11.01
CA VAL B 320 0.01 -15.13 9.84
C VAL B 320 0.97 -14.00 9.51
N SER B 321 1.49 -13.31 10.53
CA SER B 321 2.29 -12.12 10.30
C SER B 321 3.79 -12.39 10.27
N LYS B 322 4.25 -13.48 10.88
CA LYS B 322 5.66 -13.82 11.07
C LYS B 322 6.33 -12.96 12.15
N MET B 323 5.57 -12.10 12.84
CA MET B 323 6.11 -11.42 14.00
C MET B 323 6.23 -12.40 15.17
N LEU B 324 7.00 -12.00 16.18
CA LEU B 324 7.21 -12.86 17.34
C LEU B 324 6.21 -12.53 18.44
N PRO B 325 5.76 -13.52 19.20
CA PRO B 325 4.83 -13.24 20.30
C PRO B 325 5.56 -12.61 21.48
N VAL B 326 4.76 -12.01 22.37
CA VAL B 326 5.25 -11.39 23.58
C VAL B 326 4.83 -12.15 24.83
N VAL B 327 4.13 -13.27 24.68
CA VAL B 327 3.63 -14.06 25.79
C VAL B 327 4.39 -15.38 25.82
N LYS B 328 4.89 -15.75 27.01
CA LYS B 328 5.81 -16.88 27.12
C LYS B 328 5.17 -18.19 26.65
N ALA B 329 3.89 -18.39 26.97
CA ALA B 329 3.23 -19.65 26.64
C ALA B 329 3.17 -19.88 25.13
N ALA B 330 3.20 -18.82 24.33
CA ALA B 330 3.10 -18.98 22.89
C ALA B 330 4.25 -19.80 22.33
N TYR B 331 5.42 -19.75 22.99
CA TYR B 331 6.58 -20.47 22.50
C TYR B 331 6.52 -21.96 22.82
N GLU B 332 5.43 -22.44 23.41
CA GLU B 332 5.21 -23.88 23.52
C GLU B 332 4.91 -24.50 22.15
N ASP B 333 4.55 -23.69 21.17
CA ASP B 333 4.20 -24.20 19.85
C ASP B 333 5.47 -24.48 19.06
N PRO B 334 5.62 -25.68 18.48
CA PRO B 334 6.87 -26.00 17.76
C PRO B 334 7.05 -25.21 16.49
N TYR B 335 6.06 -24.43 16.07
CA TYR B 335 6.23 -23.55 14.91
C TYR B 335 7.46 -22.67 15.09
N PHE B 336 7.81 -22.34 16.32
CA PHE B 336 8.92 -21.44 16.59
C PHE B 336 10.27 -22.14 16.57
N GLU B 337 10.31 -23.45 16.33
CA GLU B 337 11.57 -24.12 16.03
C GLU B 337 11.84 -24.21 14.54
N ASP B 338 10.98 -23.60 13.71
CA ASP B 338 11.25 -23.44 12.29
C ASP B 338 12.65 -22.85 12.10
N SER B 339 13.34 -23.32 11.04
CA SER B 339 14.76 -22.98 10.89
C SER B 339 14.98 -21.48 10.70
N LEU B 340 13.98 -20.76 10.18
CA LEU B 340 14.10 -19.31 10.05
C LEU B 340 13.58 -18.59 11.28
N MET B 341 12.38 -18.94 11.76
CA MET B 341 11.80 -18.24 12.89
C MET B 341 12.65 -18.38 14.15
N LYS B 342 13.28 -19.54 14.35
CA LYS B 342 14.04 -19.75 15.57
C LYS B 342 15.23 -18.80 15.67
N VAL B 343 15.73 -18.30 14.54
CA VAL B 343 16.84 -17.36 14.57
C VAL B 343 16.38 -16.02 15.15
N PHE B 344 15.23 -15.54 14.69
CA PHE B 344 14.71 -14.29 15.24
C PHE B 344 14.42 -14.42 16.73
N LYS B 345 13.79 -15.53 17.13
CA LYS B 345 13.48 -15.72 18.56
C LYS B 345 14.74 -15.71 19.40
N GLU B 346 15.75 -16.50 19.00
CA GLU B 346 16.98 -16.56 19.77
C GLU B 346 17.68 -15.22 19.81
N GLN B 347 17.69 -14.50 18.69
CA GLN B 347 18.44 -13.25 18.62
C GLN B 347 17.82 -12.19 19.52
N VAL B 348 16.50 -12.00 19.46
CA VAL B 348 15.92 -10.96 20.28
C VAL B 348 15.97 -11.34 21.75
N ASP B 349 15.82 -12.64 22.08
CA ASP B 349 15.83 -13.06 23.47
C ASP B 349 17.21 -12.87 24.10
N LYS B 350 18.26 -13.37 23.43
CA LYS B 350 19.60 -13.32 24.00
C LYS B 350 20.24 -11.94 23.87
N TYR B 351 19.98 -11.25 22.76
CA TYR B 351 20.76 -10.08 22.39
C TYR B 351 19.94 -8.85 22.04
N GLY B 352 18.62 -8.89 22.19
CA GLY B 352 17.81 -7.77 21.78
C GLY B 352 17.94 -6.60 22.74
N LYS B 353 18.06 -5.40 22.19
CA LYS B 353 18.13 -4.17 22.97
C LYS B 353 17.15 -3.16 22.43
N HIS B 354 16.29 -2.63 23.31
CA HIS B 354 15.26 -1.66 22.95
C HIS B 354 15.72 -0.26 23.38
N TYR B 355 15.23 0.76 22.68
CA TYR B 355 15.54 2.12 23.07
C TYR B 355 14.92 2.45 24.42
N ALA B 356 15.46 3.49 25.06
CA ALA B 356 14.85 4.02 26.28
C ALA B 356 13.42 4.42 26.02
N SER B 357 12.51 3.99 26.90
CA SER B 357 11.08 4.25 26.74
C SER B 357 10.74 5.60 27.37
N VAL B 358 11.23 6.67 26.73
CA VAL B 358 11.08 8.01 27.28
C VAL B 358 10.14 8.84 26.41
N PRO B 359 9.43 9.82 26.99
CA PRO B 359 8.42 10.56 26.21
C PRO B 359 8.99 11.24 24.99
N GLY B 360 10.26 11.64 25.00
CA GLY B 360 10.81 12.36 23.89
C GLY B 360 11.29 11.51 22.73
N TRP B 361 11.31 10.18 22.89
CA TRP B 361 11.97 9.37 21.88
C TRP B 361 11.24 9.42 20.55
N ALA B 362 9.91 9.43 20.56
CA ALA B 362 9.17 9.46 19.29
C ALA B 362 9.56 10.66 18.46
N SER B 363 9.63 11.84 19.08
CA SER B 363 10.05 13.03 18.33
C SER B 363 11.51 12.92 17.93
N ALA B 364 12.33 12.23 18.72
CA ALA B 364 13.71 11.99 18.33
C ALA B 364 13.78 11.20 17.03
N GLU B 365 12.91 10.20 16.86
CA GLU B 365 12.94 9.39 15.64
C GLU B 365 12.66 10.23 14.41
N VAL B 366 11.79 11.24 14.52
CA VAL B 366 11.59 12.13 13.39
C VAL B 366 12.90 12.82 13.03
N ILE B 367 13.64 13.27 14.05
CA ILE B 367 14.92 13.94 13.81
C ILE B 367 15.95 12.94 13.28
N PHE B 368 16.01 11.74 13.88
CA PHE B 368 16.94 10.73 13.42
C PHE B 368 16.73 10.40 11.95
N SER B 369 15.47 10.25 11.54
CA SER B 369 15.17 9.79 10.19
C SER B 369 15.70 10.76 9.15
N GLU B 370 15.49 12.06 9.35
CA GLU B 370 15.98 13.04 8.40
C GLU B 370 17.46 13.35 8.61
N GLY B 371 17.94 13.28 9.84
CA GLY B 371 19.31 13.62 10.16
C GLY B 371 20.33 12.58 9.76
N LEU B 372 20.09 11.32 10.15
CA LEU B 372 21.06 10.28 9.85
C LEU B 372 21.01 9.84 8.39
N SER B 373 19.88 10.03 7.70
CA SER B 373 19.83 9.71 6.28
C SER B 373 20.78 10.58 5.48
N LYS B 374 21.21 11.73 6.02
CA LYS B 374 22.20 12.56 5.37
C LYS B 374 23.57 11.90 5.33
N ILE B 375 23.83 10.97 6.25
CA ILE B 375 25.05 10.17 6.17
C ILE B 375 25.10 9.41 4.86
N TRP B 376 23.97 8.85 4.45
CA TRP B 376 23.93 8.13 3.18
C TRP B 376 24.07 9.07 1.99
N ASP B 377 23.59 10.31 2.11
CA ASP B 377 23.87 11.29 1.06
C ASP B 377 25.36 11.55 0.95
N ASN B 378 26.07 11.59 2.08
CA ASN B 378 27.52 11.75 2.09
C ASN B 378 28.17 10.55 1.41
N VAL B 379 27.72 9.35 1.72
CA VAL B 379 28.26 8.14 1.09
C VAL B 379 27.98 8.15 -0.41
N MET B 380 26.77 8.54 -0.81
CA MET B 380 26.41 8.58 -2.22
C MET B 380 27.02 9.77 -2.96
N GLU B 381 27.69 10.68 -2.25
CA GLU B 381 28.42 11.78 -2.88
C GLU B 381 27.47 12.70 -3.64
N VAL B 382 26.37 13.09 -2.99
CA VAL B 382 25.42 13.99 -3.60
C VAL B 382 26.02 15.39 -3.75
N ASP B 383 26.60 15.92 -2.67
CA ASP B 383 27.25 17.23 -2.71
C ASP B 383 28.73 17.12 -2.38
N GLY B 384 29.48 16.44 -3.23
CA GLY B 384 30.92 16.33 -3.07
C GLY B 384 31.35 14.95 -2.62
N ALA B 385 32.66 14.73 -2.73
CA ALA B 385 33.22 13.42 -2.43
C ALA B 385 32.96 13.05 -0.98
N TYR B 386 32.83 11.74 -0.73
CA TYR B 386 32.56 11.22 0.62
C TYR B 386 33.70 11.67 1.54
N SER B 387 33.41 12.12 2.75
CA SER B 387 34.45 12.38 3.75
C SER B 387 33.92 11.91 5.11
N TYR B 388 34.72 11.21 5.89
CA TYR B 388 34.30 10.75 7.23
C TYR B 388 34.03 11.99 8.09
N ASP B 389 34.81 13.06 7.91
CA ASP B 389 34.60 14.25 8.73
C ASP B 389 33.19 14.80 8.56
N LYS B 390 32.63 14.69 7.34
CA LYS B 390 31.26 15.14 7.13
C LYS B 390 30.26 14.30 7.91
N THR B 391 30.51 12.99 8.03
CA THR B 391 29.65 12.16 8.86
C THR B 391 29.73 12.57 10.33
N VAL B 392 30.95 12.83 10.83
CA VAL B 392 31.10 13.25 12.22
C VAL B 392 30.29 14.51 12.48
N GLN B 393 30.38 15.49 11.57
CA GLN B 393 29.62 16.73 11.74
C GLN B 393 28.13 16.47 11.77
N ILE B 394 27.63 15.60 10.88
CA ILE B 394 26.20 15.28 10.86
C ILE B 394 25.77 14.68 12.20
N VAL B 395 26.55 13.73 12.71
CA VAL B 395 26.19 13.08 13.98
C VAL B 395 26.23 14.09 15.12
N LYS B 396 27.23 14.98 15.14
CA LYS B 396 27.27 16.01 16.16
CA LYS B 396 27.28 16.03 16.15
C LYS B 396 26.03 16.89 16.09
N ASP B 397 25.61 17.28 14.89
CA ASP B 397 24.45 18.14 14.75
C ASP B 397 23.19 17.44 15.23
N VAL B 398 23.04 16.16 14.89
CA VAL B 398 21.87 15.41 15.35
C VAL B 398 21.90 15.25 16.86
N GLU B 399 23.08 15.02 17.44
CA GLU B 399 23.17 14.83 18.88
C GLU B 399 22.72 16.10 19.61
N SER B 400 23.06 17.27 19.08
CA SER B 400 22.61 18.51 19.69
C SER B 400 21.10 18.64 19.64
N GLN B 401 20.48 18.24 18.53
CA GLN B 401 19.03 18.25 18.44
C GLN B 401 18.41 17.30 19.46
N ILE B 402 18.93 16.08 19.56
CA ILE B 402 18.33 15.09 20.45
C ILE B 402 18.46 15.52 21.90
N ASN B 403 19.63 16.06 22.27
CA ASN B 403 19.81 16.55 23.64
C ASN B 403 18.78 17.61 23.99
N GLN B 404 18.49 18.53 23.06
CA GLN B 404 17.52 19.56 23.34
C GLN B 404 16.11 18.99 23.47
N ILE B 405 15.80 17.93 22.73
CA ILE B 405 14.52 17.25 22.91
C ILE B 405 14.45 16.65 24.30
N LEU B 406 15.47 15.90 24.68
CA LEU B 406 15.53 15.28 26.00
C LEU B 406 15.56 16.35 27.08
#